data_5OCU
#
_entry.id   5OCU
#
loop_
_entity.id
_entity.type
_entity.pdbx_description
1 polymer 'Kinesin-like protein KIF18A'
2 polymer 'Tubulin alpha chain'
3 polymer 'Tubulin beta chain'
4 non-polymer 'MAGNESIUM ION'
5 non-polymer 'PHOSPHOAMINOPHOSPHONIC ACID-ADENYLATE ESTER'
6 non-polymer 'ZINC ION'
7 non-polymer "GUANOSINE-5'-TRIPHOSPHATE"
8 non-polymer "GUANOSINE-5'-DIPHOSPHATE"
9 non-polymer TAXOL
#
loop_
_entity_poly.entity_id
_entity_poly.type
_entity_poly.pdbx_seq_one_letter_code
_entity_poly.pdbx_strand_id
1 'polypeptide(L)'
;GSHMSVTEEDLCHHMKVVVRVRPENTKEKAAGFHKVVHVVDKHILVFDPKQEEVSFFHGKKTTNQNVIKKQNKDLKFVFD
AVFDETSTQSEVFEHTTKPILRSFLNGYNCTVLAYGATGAGKTHTMLGSADEPGVMYLTMLHLYKCMDEIKEEKICSTAV
SYLEVYNEQIRDLLVNSGPLAVREDTQKGVVVHGLTLHQPKSSEEILHLLDNGNKNRTQHPTDMNATSSRSHAVFQIYLR
QQDKTASINQNVRIAKMSLIDLAGSERASTSGAKGTRFVEGTNINRSLLALGNVINALADSKRKNQHIPYRNSKLTRLLK
DSLGGNCQTIMIAAVSPSSVFYDDTYNTLKYANRAKDIKSSLKSNVLNVNNHITQYV
;
K
2 'polypeptide(L)'
;MRECISIHVGQAGVQIGNACWELYCLEHGIQPDGQMPSDKTIGGGDDSFNTFFSETGAGKHVPRAVFVDLEPTVIDEVRT
GTYRQLFHPEQLITGKEDAANNYARGHYTIGKEIIDLVLDRIRKLADQCTGLQGFSVFHSFGGGTGSGFTSLLMERLSVD
YGKKSKLEFSIYPAPQVSTAVVEPYNSILTTHTTLEHSDCAFMVDNEAIYDICRRNLDIERPTYTNLNRLIGQIVSSITA
SLRFDGALNVDLTEFQTNLVPYPRGHFPLATYAPVISAEKAYHEQLSVAEITNACFEPANQMVKCDPRHGKYMACCLLYR
GDVVPKDVNAAIATIKTKRTIQFVDWCPTGFKVGINYEPPTVVPGGDLAKVQRAVCMLSNTTAIAEAWARLDHKFDLMYA
KRAFVHWYVGEGMEEGEFSEAREDMAALEKDYEEVGVDSVEGEGEEEGEEY
;
A
3 'polypeptide(L)'
;MREIVHIQAGQCGNQIGAKFWEVISDEHGIDPTGSYHGDSDLQLERINVYYNEAAGNKYVPRAILVDLEPGTMDSVRSGP
FGQIFRPDNFVFGQSGAGNNWAKGHYTEGAELVDSVLDVVRKESESCDCLQGFQLTHSLGGGTGSGMGTLLISKIREEYP
DRIMNTFSVVPSPKVSDTVVEPYNATLSVHQLVENTDETYCIDNEALYDICFRTLKLTTPTYGDLNHLVSATMSGVTTCL
RFPGQLNADLRKLAVNMVPFPRLHFFMPGFAPLTSRGSQQYRALTVPELTQQMFDAKNMMAACDPRHGRYLTVAAVFRGR
MSMKEVDEQMLNVQNKNSSYFVEWIPNNVKTAVCDIPPRGLKMSATFIGNSTAIQELFKRISEQFTAMFRRKAFLHWYTG
EGMDEMEFTEAESNMNDLVSEYQQYQDATADEQGEFEEEGEEDEA
;
B
#
# COMPACT_ATOMS: atom_id res chain seq x y z
N HIS A 13 27.54 -24.37 -1.35
CA HIS A 13 27.37 -23.55 -2.58
C HIS A 13 25.94 -23.07 -2.58
N HIS A 14 25.41 -22.61 -3.70
CA HIS A 14 23.97 -22.36 -3.82
C HIS A 14 23.16 -23.51 -3.20
N MET A 15 22.07 -23.14 -2.54
CA MET A 15 21.11 -24.14 -2.10
C MET A 15 20.60 -24.94 -3.30
N LYS A 16 20.43 -26.23 -3.09
CA LYS A 16 19.97 -27.11 -4.15
C LYS A 16 18.47 -27.03 -4.25
N VAL A 17 17.97 -26.85 -5.47
CA VAL A 17 16.54 -26.77 -5.69
C VAL A 17 16.04 -28.07 -6.29
N VAL A 18 15.07 -28.68 -5.63
CA VAL A 18 14.48 -29.93 -6.09
C VAL A 18 13.03 -29.69 -6.44
N VAL A 19 12.63 -30.11 -7.64
CA VAL A 19 11.26 -29.91 -8.09
C VAL A 19 10.55 -31.25 -7.91
N ARG A 20 9.48 -31.25 -7.11
CA ARG A 20 8.74 -32.48 -6.82
C ARG A 20 7.26 -32.32 -7.28
N VAL A 21 6.78 -33.21 -8.16
CA VAL A 21 5.38 -33.23 -8.62
C VAL A 21 4.57 -34.35 -7.98
N ARG A 22 3.24 -34.24 -8.02
CA ARG A 22 2.35 -35.28 -7.47
C ARG A 22 1.48 -36.00 -8.52
N PRO A 23 1.38 -37.33 -8.47
CA PRO A 23 0.59 -38.07 -9.43
C PRO A 23 -0.60 -37.21 -9.83
N GLU A 24 -1.19 -37.53 -10.99
CA GLU A 24 -2.33 -36.76 -11.45
C GLU A 24 -3.46 -36.78 -10.43
N ASN A 25 -3.88 -35.60 -9.99
CA ASN A 25 -4.99 -35.46 -9.04
C ASN A 25 -6.36 -35.46 -9.73
N THR A 26 -7.42 -35.85 -9.01
CA THR A 26 -8.78 -35.85 -9.58
C THR A 26 -9.06 -34.59 -10.41
N LYS A 27 -8.60 -33.45 -9.90
CA LYS A 27 -8.73 -32.11 -10.51
C LYS A 27 -7.99 -32.02 -11.84
N GLU A 28 -6.75 -32.52 -11.87
CA GLU A 28 -5.92 -32.58 -13.07
C GLU A 28 -6.55 -33.47 -14.15
N LYS A 29 -7.02 -34.66 -13.76
CA LYS A 29 -7.68 -35.58 -14.69
C LYS A 29 -8.94 -34.94 -15.30
N ALA A 30 -9.73 -34.26 -14.47
CA ALA A 30 -10.93 -33.56 -14.91
C ALA A 30 -10.65 -32.39 -15.85
N ALA A 31 -9.64 -31.57 -15.58
CA ALA A 31 -9.16 -30.58 -16.53
C ALA A 31 -8.74 -31.24 -17.86
N GLY A 32 -8.18 -32.47 -17.78
CA GLY A 32 -7.51 -33.11 -18.91
C GLY A 32 -6.37 -32.27 -19.47
N PHE A 33 -5.90 -31.29 -18.71
CA PHE A 33 -4.92 -30.36 -19.27
C PHE A 33 -3.47 -30.74 -19.20
N HIS A 34 -2.75 -30.61 -20.32
CA HIS A 34 -1.34 -30.96 -20.18
C HIS A 34 -0.86 -30.63 -18.77
N LYS A 35 0.08 -31.44 -18.31
CA LYS A 35 0.79 -31.18 -17.07
C LYS A 35 1.35 -29.75 -17.13
N VAL A 36 1.28 -28.95 -16.06
CA VAL A 36 1.91 -27.60 -16.06
C VAL A 36 3.39 -27.69 -16.44
N VAL A 37 4.08 -28.56 -15.70
CA VAL A 37 5.49 -28.79 -15.93
C VAL A 37 5.71 -30.27 -16.24
N HIS A 38 6.37 -30.53 -17.36
CA HIS A 38 6.67 -31.90 -17.77
C HIS A 38 8.18 -31.99 -17.82
N VAL A 39 8.75 -33.00 -17.17
CA VAL A 39 10.21 -33.12 -17.18
C VAL A 39 10.68 -34.00 -18.34
N VAL A 40 11.51 -33.42 -19.19
CA VAL A 40 12.04 -34.11 -20.37
C VAL A 40 12.94 -35.20 -19.84
N ASP A 41 13.68 -34.81 -18.82
CA ASP A 41 14.63 -35.62 -18.10
C ASP A 41 14.29 -35.30 -16.67
N LYS A 42 14.79 -36.10 -15.74
CA LYS A 42 14.49 -35.87 -14.35
C LYS A 42 14.96 -34.48 -13.95
N HIS A 43 16.09 -34.05 -14.52
CA HIS A 43 16.65 -32.72 -14.18
C HIS A 43 16.06 -31.55 -14.95
N ILE A 44 15.71 -31.80 -16.21
CA ILE A 44 15.25 -30.81 -17.18
C ILE A 44 13.73 -30.78 -17.11
N LEU A 45 13.17 -29.59 -17.00
CA LEU A 45 11.72 -29.42 -17.10
C LEU A 45 11.30 -28.41 -18.15
N VAL A 46 10.13 -28.66 -18.75
CA VAL A 46 9.45 -27.75 -19.67
C VAL A 46 8.19 -27.22 -19.02
N PHE A 47 8.13 -25.91 -18.84
CA PHE A 47 6.92 -25.22 -18.39
C PHE A 47 6.02 -24.77 -19.57
N ASP A 48 4.72 -24.87 -19.31
CA ASP A 48 3.58 -24.62 -20.20
C ASP A 48 3.45 -23.18 -20.73
N PRO A 49 2.46 -22.94 -21.58
CA PRO A 49 2.23 -21.61 -22.14
C PRO A 49 1.27 -20.78 -21.30
N LYS A 73 5.21 -22.43 -23.23
CA LYS A 73 5.53 -21.47 -24.27
C LYS A 73 6.60 -22.08 -25.17
N ASP A 74 7.73 -22.38 -24.54
CA ASP A 74 8.89 -23.00 -25.14
C ASP A 74 9.85 -22.82 -23.97
N LEU A 75 9.39 -23.23 -22.80
CA LEU A 75 10.16 -23.06 -21.60
C LEU A 75 10.86 -24.26 -21.09
N LYS A 76 12.16 -24.19 -21.26
CA LYS A 76 13.12 -25.16 -20.73
C LYS A 76 13.86 -24.60 -19.50
N PHE A 77 13.53 -25.07 -18.28
CA PHE A 77 14.38 -24.88 -17.10
C PHE A 77 15.29 -26.07 -16.84
N VAL A 78 16.45 -25.75 -16.25
CA VAL A 78 17.38 -26.73 -15.68
C VAL A 78 17.54 -26.47 -14.19
N PHE A 79 17.70 -27.56 -13.45
CA PHE A 79 17.95 -27.56 -12.02
C PHE A 79 19.25 -28.31 -11.66
N ASP A 80 19.63 -28.27 -10.37
CA ASP A 80 20.57 -29.28 -9.83
C ASP A 80 20.02 -30.71 -9.94
N ALA A 81 18.78 -30.89 -9.47
CA ALA A 81 17.93 -32.06 -9.71
C ALA A 81 16.49 -31.60 -9.90
N VAL A 82 15.71 -32.37 -10.64
CA VAL A 82 14.25 -32.35 -10.59
C VAL A 82 13.73 -33.78 -10.58
N PHE A 83 12.54 -33.94 -10.03
CA PHE A 83 11.70 -35.13 -10.07
C PHE A 83 10.46 -34.93 -10.93
N ASP A 84 10.19 -35.96 -11.72
CA ASP A 84 9.02 -36.22 -12.54
C ASP A 84 7.76 -36.56 -11.71
N GLU A 85 6.57 -36.58 -12.30
CA GLU A 85 5.31 -36.95 -11.61
C GLU A 85 5.33 -38.44 -11.26
N THR A 86 5.99 -39.23 -12.12
CA THR A 86 6.39 -40.61 -11.85
C THR A 86 7.39 -40.75 -10.70
N SER A 87 8.28 -39.76 -10.50
CA SER A 87 9.27 -39.78 -9.45
C SER A 87 8.61 -39.70 -8.08
N THR A 88 8.98 -40.67 -7.27
CA THR A 88 8.35 -40.96 -5.99
C THR A 88 8.85 -40.02 -4.90
N GLN A 89 8.17 -40.00 -3.74
CA GLN A 89 8.78 -39.46 -2.52
C GLN A 89 10.09 -40.14 -2.15
N SER A 90 10.27 -41.45 -2.38
CA SER A 90 11.53 -42.13 -2.02
C SER A 90 12.76 -41.68 -2.85
N GLU A 91 12.54 -41.21 -4.07
CA GLU A 91 13.58 -40.49 -4.82
C GLU A 91 13.91 -39.13 -4.16
N VAL A 92 12.87 -38.39 -3.75
CA VAL A 92 13.04 -37.16 -2.94
C VAL A 92 13.76 -37.43 -1.64
N PHE A 93 13.47 -38.54 -0.98
CA PHE A 93 14.20 -39.01 0.17
C PHE A 93 15.69 -39.11 -0.13
N GLU A 94 16.10 -40.00 -1.05
CA GLU A 94 17.53 -40.26 -1.28
C GLU A 94 18.26 -38.96 -1.61
N HIS A 95 17.70 -38.25 -2.59
CA HIS A 95 18.30 -37.04 -3.10
C HIS A 95 18.38 -35.98 -2.01
N THR A 96 17.25 -35.73 -1.32
CA THR A 96 17.21 -34.72 -0.26
C THR A 96 18.18 -35.10 0.84
N THR A 97 18.17 -36.34 1.36
CA THR A 97 18.97 -36.67 2.55
C THR A 97 20.46 -36.79 2.29
N LYS A 98 20.90 -37.03 1.04
CA LYS A 98 22.33 -37.12 0.78
C LYS A 98 23.08 -35.82 1.12
N PRO A 99 22.66 -34.62 0.65
CA PRO A 99 23.20 -33.35 1.14
C PRO A 99 23.03 -33.14 2.65
N ILE A 100 22.02 -33.72 3.30
CA ILE A 100 21.90 -33.69 4.77
C ILE A 100 23.04 -34.47 5.40
N LEU A 101 23.31 -35.72 4.94
CA LEU A 101 24.43 -36.56 5.40
C LEU A 101 25.72 -35.77 5.30
N ARG A 102 25.98 -35.20 4.10
CA ARG A 102 27.19 -34.43 3.86
C ARG A 102 27.32 -33.30 4.88
N SER A 103 26.29 -32.47 4.99
CA SER A 103 26.31 -31.32 5.88
C SER A 103 26.49 -31.73 7.34
N PHE A 104 25.85 -32.81 7.79
CA PHE A 104 26.00 -33.36 9.14
C PHE A 104 27.37 -33.90 9.47
N LEU A 105 28.01 -34.66 8.56
CA LEU A 105 29.41 -35.07 8.76
C LEU A 105 30.35 -33.86 8.74
N ASN A 106 30.05 -32.86 7.91
CA ASN A 106 30.76 -31.60 7.96
C ASN A 106 30.49 -30.81 9.26
N GLY A 107 29.42 -31.14 10.00
CA GLY A 107 28.87 -30.36 11.11
C GLY A 107 28.01 -29.17 10.68
N TYR A 108 27.93 -28.93 9.38
CA TYR A 108 27.10 -27.90 8.78
C TYR A 108 25.64 -28.18 9.11
N ASN A 109 24.96 -27.16 9.66
CA ASN A 109 23.53 -27.19 9.87
C ASN A 109 22.82 -27.56 8.56
N CYS A 110 21.92 -28.54 8.60
CA CYS A 110 21.03 -28.75 7.48
C CYS A 110 19.78 -27.88 7.64
N THR A 111 19.41 -27.13 6.61
CA THR A 111 18.05 -26.59 6.47
C THR A 111 17.39 -27.21 5.25
N VAL A 112 16.09 -27.49 5.33
CA VAL A 112 15.27 -27.96 4.21
C VAL A 112 14.01 -27.10 4.13
N LEU A 113 13.75 -26.48 2.98
CA LEU A 113 12.54 -25.71 2.71
C LEU A 113 11.62 -26.50 1.77
N ALA A 114 10.54 -27.13 2.24
CA ALA A 114 9.44 -27.46 1.33
C ALA A 114 8.68 -26.16 1.02
N TYR A 115 8.77 -25.71 -0.23
CA TYR A 115 7.93 -24.65 -0.75
C TYR A 115 6.93 -25.15 -1.79
N GLY A 116 5.86 -24.40 -1.99
CA GLY A 116 4.83 -24.57 -3.00
C GLY A 116 3.47 -24.30 -2.40
N ALA A 117 2.45 -24.04 -3.21
CA ALA A 117 1.09 -23.82 -2.72
C ALA A 117 0.52 -25.02 -1.98
N THR A 118 -0.64 -24.81 -1.39
CA THR A 118 -1.41 -25.89 -0.80
C THR A 118 -1.72 -26.96 -1.85
N GLY A 119 -1.93 -28.20 -1.43
CA GLY A 119 -2.23 -29.23 -2.36
C GLY A 119 -0.95 -29.80 -3.02
N ALA A 120 0.16 -29.09 -3.19
CA ALA A 120 1.20 -29.39 -4.20
C ALA A 120 2.16 -30.52 -3.82
N GLY A 121 2.24 -30.90 -2.55
CA GLY A 121 3.03 -32.06 -2.10
C GLY A 121 4.06 -31.83 -1.03
N LYS A 122 4.04 -30.66 -0.38
CA LYS A 122 4.94 -30.36 0.73
C LYS A 122 4.81 -31.35 1.88
N THR A 123 3.59 -31.64 2.34
CA THR A 123 3.33 -32.58 3.44
C THR A 123 3.61 -34.02 3.00
N HIS A 124 3.15 -34.46 1.83
CA HIS A 124 3.48 -35.79 1.29
C HIS A 124 5.00 -36.00 1.15
N THR A 125 5.78 -34.97 0.78
CA THR A 125 7.24 -35.08 0.88
C THR A 125 7.70 -35.20 2.33
N MET A 126 7.35 -34.18 3.13
CA MET A 126 7.92 -33.92 4.45
C MET A 126 7.49 -34.97 5.45
N LEU A 127 6.20 -35.00 5.76
CA LEU A 127 5.55 -36.06 6.55
C LEU A 127 5.72 -37.44 5.91
N GLY A 128 5.74 -37.50 4.58
CA GLY A 128 5.51 -38.73 3.84
C GLY A 128 4.08 -38.82 3.35
N SER A 129 3.79 -39.74 2.44
CA SER A 129 2.44 -40.31 2.38
C SER A 129 2.06 -41.02 3.70
N ALA A 130 0.83 -41.49 3.85
CA ALA A 130 0.47 -42.31 5.02
C ALA A 130 1.25 -43.63 5.08
N ASP A 131 1.31 -44.35 3.96
CA ASP A 131 2.13 -45.54 3.79
C ASP A 131 3.64 -45.21 3.74
N GLU A 132 4.00 -44.22 2.93
CA GLU A 132 5.40 -43.93 2.69
C GLU A 132 6.00 -43.32 3.97
N PRO A 133 7.24 -43.70 4.34
CA PRO A 133 7.99 -42.91 5.29
C PRO A 133 8.19 -41.51 4.71
N GLY A 134 8.05 -40.47 5.52
CA GLY A 134 8.38 -39.11 5.08
C GLY A 134 9.81 -38.76 5.18
N VAL A 135 10.19 -37.67 4.49
CA VAL A 135 11.54 -37.16 4.59
C VAL A 135 11.93 -36.83 6.03
N MET A 136 11.02 -36.39 6.89
CA MET A 136 11.33 -36.07 8.29
C MET A 136 11.72 -37.32 9.08
N TYR A 137 11.05 -38.45 8.80
CA TYR A 137 11.38 -39.72 9.42
C TYR A 137 12.65 -40.26 8.81
N LEU A 138 12.80 -40.17 7.50
CA LEU A 138 13.95 -40.71 6.81
C LEU A 138 15.24 -39.94 7.12
N THR A 139 15.17 -38.62 7.24
CA THR A 139 16.25 -37.73 7.69
C THR A 139 16.53 -37.83 9.17
N MET A 140 15.53 -38.10 10.01
CA MET A 140 15.77 -38.44 11.41
C MET A 140 16.44 -39.82 11.53
N LEU A 141 15.99 -40.84 10.80
CA LEU A 141 16.67 -42.13 10.68
C LEU A 141 18.07 -41.93 10.13
N HIS A 142 18.23 -40.99 9.20
CA HIS A 142 19.52 -40.62 8.63
C HIS A 142 20.42 -39.97 9.68
N LEU A 143 19.90 -39.04 10.48
CA LEU A 143 20.67 -38.40 11.52
C LEU A 143 21.08 -39.41 12.59
N TYR A 144 20.08 -40.16 13.04
CA TYR A 144 20.25 -41.20 14.03
C TYR A 144 21.31 -42.18 13.53
N LYS A 145 21.24 -42.56 12.24
CA LYS A 145 22.30 -43.30 11.53
C LYS A 145 23.64 -42.58 11.66
N CYS A 146 23.76 -41.31 11.30
CA CYS A 146 25.06 -40.60 11.33
C CYS A 146 25.75 -40.68 12.71
N MET A 147 24.98 -40.41 13.78
CA MET A 147 25.46 -40.58 15.16
C MET A 147 25.70 -42.06 15.55
N ASP A 148 24.80 -42.97 15.19
CA ASP A 148 24.88 -44.40 15.56
C ASP A 148 26.07 -45.10 14.92
N GLU A 149 26.35 -44.78 13.64
CA GLU A 149 27.41 -45.38 12.82
C GLU A 149 28.74 -45.26 13.57
N ILE A 150 28.97 -44.03 14.03
CA ILE A 150 30.03 -43.69 14.93
C ILE A 150 29.49 -43.06 16.21
N LYS A 151 29.05 -43.92 17.11
CA LYS A 151 28.74 -43.53 18.48
C LYS A 151 29.97 -42.99 19.23
N GLU A 152 31.13 -43.63 19.10
CA GLU A 152 32.24 -43.43 20.04
C GLU A 152 32.98 -42.11 19.82
N GLU A 153 33.46 -41.87 18.59
CA GLU A 153 34.00 -40.56 18.19
C GLU A 153 32.89 -39.54 18.37
N LYS A 154 31.79 -39.72 17.63
CA LYS A 154 30.64 -38.85 17.70
C LYS A 154 29.66 -39.34 18.77
N ILE A 155 29.78 -38.74 19.95
CA ILE A 155 28.70 -38.76 20.95
C ILE A 155 27.85 -37.50 20.81
N CYS A 156 26.68 -37.65 20.22
CA CYS A 156 25.71 -36.56 20.16
C CYS A 156 24.74 -36.56 21.35
N SER A 157 24.33 -35.37 21.80
CA SER A 157 23.00 -35.25 22.41
C SER A 157 22.03 -34.72 21.38
N THR A 158 20.90 -35.39 21.17
CA THR A 158 19.74 -34.78 20.49
C THR A 158 18.79 -34.16 21.49
N ALA A 159 18.54 -32.87 21.33
CA ALA A 159 17.33 -32.18 21.76
C ALA A 159 16.38 -31.98 20.56
N VAL A 160 15.07 -32.12 20.69
CA VAL A 160 14.07 -31.95 19.62
C VAL A 160 13.18 -30.75 19.90
N SER A 161 13.10 -29.79 18.98
CA SER A 161 12.28 -28.57 19.06
C SER A 161 11.40 -28.45 17.82
N TYR A 162 10.16 -28.88 17.92
CA TYR A 162 9.15 -28.64 16.89
C TYR A 162 8.33 -27.41 17.25
N LEU A 163 8.36 -26.39 16.41
CA LEU A 163 7.52 -25.18 16.55
C LEU A 163 6.63 -25.00 15.31
N GLU A 164 5.62 -24.15 15.43
CA GLU A 164 5.01 -23.47 14.27
C GLU A 164 5.16 -21.94 14.34
N VAL A 165 4.99 -21.34 13.17
CA VAL A 165 4.68 -19.91 12.96
C VAL A 165 3.24 -19.77 12.48
N TYR A 166 2.33 -19.39 13.38
CA TYR A 166 0.92 -19.06 13.12
C TYR A 166 0.68 -17.56 13.34
N ASN A 167 0.14 -16.86 12.35
CA ASN A 167 -0.08 -15.40 12.41
C ASN A 167 1.23 -14.61 12.68
N GLU A 168 2.38 -15.16 12.25
CA GLU A 168 3.74 -14.71 12.64
C GLU A 168 4.05 -14.76 14.14
N GLN A 169 3.19 -15.39 14.95
CA GLN A 169 3.48 -15.80 16.32
C GLN A 169 4.15 -17.19 16.33
N ILE A 170 5.23 -17.36 17.09
CA ILE A 170 5.85 -18.67 17.26
C ILE A 170 5.22 -19.38 18.45
N ARG A 171 4.76 -20.62 18.28
CA ARG A 171 4.45 -21.52 19.42
C ARG A 171 5.15 -22.86 19.30
N ASP A 172 5.66 -23.32 20.43
CA ASP A 172 6.10 -24.71 20.62
C ASP A 172 4.90 -25.63 20.40
N LEU A 173 5.07 -26.59 19.50
CA LEU A 173 4.07 -27.62 19.27
C LEU A 173 4.03 -28.64 20.40
N LEU A 174 5.20 -29.03 20.91
CA LEU A 174 5.35 -30.06 21.94
C LEU A 174 4.88 -29.56 23.31
N VAL A 175 5.45 -28.47 23.88
CA VAL A 175 4.65 -27.65 24.84
C VAL A 175 3.71 -26.66 24.18
N ASN A 176 2.45 -27.08 24.07
CA ASN A 176 1.33 -26.18 23.83
C ASN A 176 1.22 -25.16 24.96
N SER A 177 1.40 -23.90 24.60
CA SER A 177 1.24 -22.73 25.47
C SER A 177 0.87 -21.51 24.62
N GLY A 178 0.65 -20.36 25.26
CA GLY A 178 0.76 -19.08 24.55
C GLY A 178 2.06 -18.97 23.74
N PRO A 179 2.10 -18.18 22.65
CA PRO A 179 3.31 -18.02 21.85
C PRO A 179 4.47 -17.62 22.74
N LEU A 180 5.54 -18.39 22.66
CA LEU A 180 6.70 -18.21 23.51
C LEU A 180 7.43 -16.94 23.09
N ALA A 181 7.90 -16.14 24.05
CA ALA A 181 8.54 -14.89 23.69
C ALA A 181 9.79 -15.12 22.82
N VAL A 182 9.91 -14.26 21.83
CA VAL A 182 11.09 -14.17 20.98
C VAL A 182 12.17 -13.42 21.75
N ARG A 183 13.38 -13.98 21.86
CA ARG A 183 14.57 -13.26 22.34
C ARG A 183 15.67 -13.30 21.30
N GLU A 184 16.62 -12.38 21.32
CA GLU A 184 17.93 -12.66 20.73
C GLU A 184 18.92 -13.30 21.72
N ASP A 185 19.96 -13.97 21.21
CA ASP A 185 21.11 -14.35 22.02
C ASP A 185 21.89 -13.10 22.44
N THR A 186 22.85 -13.25 23.37
CA THR A 186 23.66 -12.10 23.84
C THR A 186 24.39 -11.42 22.69
N GLN A 187 25.13 -12.20 21.90
CA GLN A 187 25.80 -11.68 20.72
C GLN A 187 24.79 -11.08 19.73
N LYS A 188 23.91 -11.96 19.22
CA LYS A 188 22.81 -11.76 18.26
C LYS A 188 22.25 -13.14 17.89
N GLY A 189 21.43 -13.18 16.83
CA GLY A 189 20.68 -14.40 16.48
C GLY A 189 19.42 -14.51 17.31
N VAL A 190 18.30 -14.83 16.66
CA VAL A 190 17.03 -14.84 17.38
C VAL A 190 16.73 -16.28 17.78
N VAL A 191 16.48 -16.51 19.06
CA VAL A 191 16.04 -17.79 19.59
C VAL A 191 14.71 -17.61 20.30
N VAL A 192 13.84 -18.60 20.15
CA VAL A 192 12.67 -18.73 21.00
C VAL A 192 13.06 -19.44 22.29
N HIS A 193 12.90 -18.78 23.44
CA HIS A 193 13.07 -19.47 24.72
C HIS A 193 11.86 -20.35 25.02
N GLY A 194 12.08 -21.49 25.68
CA GLY A 194 11.03 -22.36 26.20
C GLY A 194 10.52 -23.41 25.21
N LEU A 195 10.98 -23.41 23.94
CA LEU A 195 10.84 -24.59 23.08
C LEU A 195 11.41 -25.78 23.83
N THR A 196 10.54 -26.70 24.21
CA THR A 196 10.98 -27.91 24.87
C THR A 196 11.91 -28.67 23.94
N LEU A 197 12.89 -29.31 24.57
CA LEU A 197 13.67 -30.38 23.97
C LEU A 197 13.14 -31.74 24.44
N HIS A 198 13.27 -32.72 23.54
CA HIS A 198 13.31 -34.14 23.92
C HIS A 198 14.51 -34.84 23.26
N GLN A 199 15.08 -35.87 23.87
CA GLN A 199 16.00 -36.77 23.16
C GLN A 199 15.21 -37.97 22.59
N PRO A 200 15.40 -38.36 21.29
CA PRO A 200 14.91 -39.60 20.69
C PRO A 200 15.22 -40.79 21.59
N LYS A 201 14.16 -41.38 22.15
CA LYS A 201 14.22 -42.63 22.91
C LYS A 201 14.51 -43.77 21.93
N SER A 202 13.70 -43.83 20.88
CA SER A 202 13.98 -44.45 19.59
C SER A 202 13.81 -43.44 18.46
N SER A 203 14.14 -43.83 17.21
CA SER A 203 13.61 -43.17 16.02
C SER A 203 12.09 -43.14 15.99
N GLU A 204 11.40 -44.28 16.17
CA GLU A 204 9.92 -44.36 16.18
C GLU A 204 9.29 -43.39 17.19
N GLU A 205 9.95 -43.19 18.33
CA GLU A 205 9.38 -42.37 19.39
C GLU A 205 9.31 -40.89 19.00
N ILE A 206 10.33 -40.42 18.27
CA ILE A 206 10.22 -39.11 17.62
C ILE A 206 9.01 -39.07 16.72
N LEU A 207 8.71 -40.07 15.87
CA LEU A 207 7.52 -40.07 14.99
C LEU A 207 6.24 -39.89 15.80
N HIS A 208 6.14 -40.58 16.94
CA HIS A 208 4.95 -40.50 17.79
C HIS A 208 4.76 -39.10 18.34
N LEU A 209 5.84 -38.53 18.90
CA LEU A 209 5.81 -37.16 19.39
C LEU A 209 5.64 -36.14 18.25
N LEU A 210 6.30 -36.36 17.12
CA LEU A 210 6.25 -35.53 15.93
C LEU A 210 4.84 -35.54 15.35
N ASP A 211 4.10 -36.65 15.34
CA ASP A 211 2.67 -36.66 14.96
C ASP A 211 1.82 -35.82 15.93
N ASN A 212 2.15 -35.85 17.23
CA ASN A 212 1.59 -34.88 18.15
C ASN A 212 1.95 -33.44 17.73
N GLY A 213 3.20 -33.14 17.42
CA GLY A 213 3.58 -31.86 16.80
C GLY A 213 2.82 -31.52 15.49
N ASN A 214 2.59 -32.50 14.61
CA ASN A 214 1.86 -32.33 13.36
C ASN A 214 0.36 -32.05 13.57
N LYS A 215 -0.29 -32.63 14.59
CA LYS A 215 -1.65 -32.20 14.96
C LYS A 215 -1.66 -30.87 15.73
N ASN A 216 -0.58 -30.57 16.46
CA ASN A 216 -0.50 -29.42 17.36
C ASN A 216 -0.42 -28.11 16.58
N ARG A 217 0.25 -28.11 15.41
CA ARG A 217 0.11 -26.97 14.49
C ARG A 217 -1.37 -26.74 14.18
N THR A 218 -1.74 -25.48 14.02
CA THR A 218 -3.09 -25.16 13.57
C THR A 218 -3.33 -25.67 12.15
N GLN A 219 -4.44 -26.37 11.98
CA GLN A 219 -4.93 -26.80 10.68
C GLN A 219 -6.43 -26.56 10.61
N HIS A 220 -6.89 -26.10 9.46
CA HIS A 220 -8.30 -26.11 9.14
C HIS A 220 -8.51 -26.61 7.72
N PRO A 221 -9.55 -27.42 7.47
CA PRO A 221 -9.89 -27.85 6.12
C PRO A 221 -10.14 -26.66 5.20
N THR A 222 -9.86 -26.83 3.92
CA THR A 222 -10.13 -25.85 2.85
C THR A 222 -10.80 -26.57 1.68
N ASP A 223 -11.32 -25.83 0.70
CA ASP A 223 -11.78 -26.44 -0.55
C ASP A 223 -10.62 -27.12 -1.30
N MET A 224 -9.44 -26.49 -1.22
CA MET A 224 -8.24 -26.92 -1.93
C MET A 224 -7.55 -28.14 -1.33
N ASN A 225 -7.60 -28.28 0.00
CA ASN A 225 -6.96 -29.36 0.75
C ASN A 225 -7.95 -30.02 1.72
N ALA A 226 -7.82 -31.34 1.89
CA ALA A 226 -8.52 -32.06 2.94
C ALA A 226 -8.21 -31.49 4.33
N THR A 227 -6.94 -31.19 4.58
CA THR A 227 -6.48 -30.41 5.72
C THR A 227 -5.42 -29.41 5.27
N SER A 228 -5.69 -28.12 5.35
CA SER A 228 -4.69 -27.07 5.12
C SER A 228 -3.88 -26.87 6.41
N SER A 229 -2.55 -26.87 6.30
CA SER A 229 -1.70 -26.27 7.33
C SER A 229 -1.94 -24.75 7.38
N ARG A 230 -2.42 -24.21 8.51
CA ARG A 230 -2.55 -22.73 8.68
C ARG A 230 -1.23 -22.04 9.03
N SER A 231 -0.18 -22.82 9.23
CA SER A 231 1.09 -22.38 9.78
C SER A 231 2.26 -23.05 9.10
N HIS A 232 3.39 -22.37 9.18
CA HIS A 232 4.70 -22.97 8.91
C HIS A 232 5.16 -23.80 10.11
N ALA A 233 5.66 -25.02 9.89
CA ALA A 233 6.14 -25.92 10.94
C ALA A 233 7.65 -26.22 10.77
N VAL A 234 8.40 -26.20 11.87
CA VAL A 234 9.88 -26.19 11.85
C VAL A 234 10.33 -27.22 12.86
N PHE A 235 10.54 -28.45 12.40
CA PHE A 235 11.26 -29.40 13.24
C PHE A 235 12.76 -29.07 13.21
N GLN A 236 13.27 -28.49 14.30
CA GLN A 236 14.72 -28.48 14.57
C GLN A 236 15.12 -29.45 15.65
N ILE A 237 16.40 -29.86 15.63
CA ILE A 237 17.02 -30.54 16.76
C ILE A 237 18.30 -29.83 17.17
N TYR A 238 18.69 -29.81 18.44
CA TYR A 238 20.01 -29.34 18.85
C TYR A 238 20.94 -30.53 19.03
N LEU A 239 21.79 -30.76 18.03
CA LEU A 239 22.82 -31.81 18.04
C LEU A 239 24.16 -31.20 18.34
N ARG A 240 24.53 -31.21 19.61
CA ARG A 240 25.95 -31.20 19.94
C ARG A 240 26.52 -32.60 19.76
N GLN A 241 27.41 -32.76 18.78
CA GLN A 241 28.08 -34.04 18.50
C GLN A 241 29.55 -34.01 18.89
N GLN A 242 29.85 -34.21 20.17
CA GLN A 242 31.25 -34.26 20.59
C GLN A 242 31.96 -35.35 19.81
N ASP A 243 32.81 -34.99 18.83
CA ASP A 243 33.95 -35.81 18.43
C ASP A 243 34.96 -35.72 19.57
N LYS A 244 35.40 -36.89 20.06
CA LYS A 244 36.47 -37.05 21.05
C LYS A 244 37.76 -37.52 20.38
N THR A 245 38.85 -36.87 20.80
CA THR A 245 40.23 -37.24 20.48
C THR A 245 41.01 -37.28 21.79
N ALA A 246 42.13 -38.02 21.72
CA ALA A 246 43.13 -38.19 22.78
C ALA A 246 42.43 -38.73 24.00
N SER A 247 42.99 -38.48 25.19
CA SER A 247 42.21 -38.85 26.36
C SER A 247 40.94 -38.01 26.52
N ILE A 248 41.06 -36.67 26.53
CA ILE A 248 39.99 -35.80 27.02
C ILE A 248 38.84 -35.75 26.01
N ASN A 249 39.05 -35.01 24.92
CA ASN A 249 38.06 -34.53 23.96
C ASN A 249 38.71 -33.84 22.75
N GLN A 250 38.06 -33.94 21.57
CA GLN A 250 38.39 -33.20 20.33
C GLN A 250 37.46 -31.99 20.30
N ASN A 251 37.15 -31.52 19.09
CA ASN A 251 36.09 -30.59 18.79
C ASN A 251 34.76 -31.31 18.66
N VAL A 252 33.70 -30.64 19.10
CA VAL A 252 32.34 -30.97 18.70
C VAL A 252 31.92 -30.30 17.39
N ARG A 253 31.28 -31.04 16.47
CA ARG A 253 30.41 -30.39 15.47
C ARG A 253 29.02 -30.13 16.03
N ILE A 254 28.53 -28.90 15.87
CA ILE A 254 27.13 -28.56 16.17
C ILE A 254 26.35 -28.48 14.90
N ALA A 255 25.37 -29.37 14.80
CA ALA A 255 24.28 -29.16 13.88
C ALA A 255 22.96 -28.99 14.64
N LYS A 256 22.20 -27.95 14.32
CA LYS A 256 20.76 -28.12 14.20
C LYS A 256 20.37 -28.46 12.75
N MET A 257 19.53 -29.47 12.58
CA MET A 257 18.82 -29.67 11.31
C MET A 257 17.47 -28.99 11.36
N SER A 258 16.89 -28.70 10.20
CA SER A 258 15.60 -28.06 10.10
C SER A 258 14.79 -28.61 8.94
N LEU A 259 13.66 -29.24 9.24
CA LEU A 259 12.59 -29.53 8.28
C LEU A 259 11.58 -28.38 8.35
N ILE A 260 11.43 -27.64 7.26
CA ILE A 260 10.39 -26.62 7.11
C ILE A 260 9.26 -27.16 6.24
N ASP A 261 8.10 -27.40 6.84
CA ASP A 261 6.81 -27.45 6.13
C ASP A 261 6.19 -26.04 6.11
N LEU A 262 6.48 -25.23 5.09
CA LEU A 262 5.74 -23.98 4.92
C LEU A 262 4.24 -24.30 4.79
N ALA A 263 3.34 -23.44 5.31
CA ALA A 263 1.99 -23.41 4.79
C ALA A 263 2.03 -23.12 3.28
N GLY A 264 1.11 -23.73 2.54
CA GLY A 264 0.81 -23.36 1.18
C GLY A 264 0.26 -21.95 1.16
N SER A 265 0.77 -21.17 0.23
CA SER A 265 0.10 -19.94 -0.14
C SER A 265 -1.34 -20.21 -0.56
N GLU A 266 -2.20 -19.27 -0.18
CA GLU A 266 -3.48 -19.03 -0.80
C GLU A 266 -3.52 -17.60 -1.35
N ARG A 267 -4.62 -17.22 -1.96
CA ARG A 267 -4.88 -15.91 -2.60
C ARG A 267 -6.12 -15.31 -1.97
N ALA A 268 -6.48 -14.06 -2.25
CA ALA A 268 -7.82 -13.58 -1.89
C ALA A 268 -8.97 -14.38 -2.53
N SER A 269 -8.93 -14.50 -3.86
CA SER A 269 -9.92 -15.22 -4.66
C SER A 269 -9.89 -16.73 -4.38
N THR A 270 -8.70 -17.28 -4.08
CA THR A 270 -8.55 -18.67 -3.63
C THR A 270 -9.12 -18.89 -2.23
N SER A 271 -8.86 -18.01 -1.27
CA SER A 271 -9.42 -18.10 0.08
C SER A 271 -10.94 -18.08 -0.03
N GLY A 272 -11.49 -17.10 -0.77
CA GLY A 272 -12.94 -16.92 -1.01
C GLY A 272 -13.77 -16.63 0.25
N ALA A 273 -13.21 -16.84 1.43
CA ALA A 273 -13.76 -16.61 2.75
C ALA A 273 -12.99 -15.48 3.45
N LYS A 274 -13.71 -14.46 3.93
CA LYS A 274 -13.15 -13.41 4.79
C LYS A 274 -12.82 -13.94 6.20
N GLY A 275 -12.67 -13.01 7.13
CA GLY A 275 -12.71 -13.28 8.56
C GLY A 275 -11.41 -13.93 8.98
N THR A 276 -11.50 -14.92 9.87
CA THR A 276 -10.30 -15.69 10.27
C THR A 276 -9.60 -16.32 9.07
N ARG A 277 -10.33 -16.90 8.11
CA ARG A 277 -9.72 -17.53 6.92
C ARG A 277 -8.91 -16.55 6.09
N PHE A 278 -9.45 -15.34 5.90
CA PHE A 278 -8.70 -14.35 5.16
C PHE A 278 -7.50 -13.86 5.93
N VAL A 279 -7.69 -13.46 7.20
CA VAL A 279 -6.60 -12.90 8.01
C VAL A 279 -5.46 -13.92 8.16
N GLU A 280 -5.80 -15.19 8.39
CA GLU A 280 -4.84 -16.29 8.38
C GLU A 280 -4.11 -16.39 7.02
N GLY A 281 -4.85 -16.38 5.91
CA GLY A 281 -4.29 -16.48 4.56
C GLY A 281 -3.45 -15.27 4.14
N THR A 282 -3.86 -14.06 4.53
CA THR A 282 -3.10 -12.82 4.35
C THR A 282 -1.84 -12.82 5.23
N ASN A 283 -1.93 -13.36 6.45
CA ASN A 283 -0.76 -13.53 7.34
C ASN A 283 0.26 -14.53 6.79
N ILE A 284 -0.20 -15.60 6.13
CA ILE A 284 0.69 -16.50 5.40
C ILE A 284 1.34 -15.74 4.23
N ASN A 285 0.55 -15.02 3.43
CA ASN A 285 1.05 -14.33 2.24
C ASN A 285 2.07 -13.22 2.54
N ARG A 286 1.88 -12.48 3.65
CA ARG A 286 2.87 -11.48 4.09
C ARG A 286 4.22 -12.11 4.46
N SER A 287 4.18 -13.30 5.10
CA SER A 287 5.39 -14.03 5.54
C SER A 287 6.16 -14.60 4.35
N LEU A 288 5.44 -15.08 3.33
CA LEU A 288 6.03 -15.58 2.10
C LEU A 288 6.62 -14.46 1.25
N LEU A 289 5.98 -13.30 1.23
CA LEU A 289 6.54 -12.14 0.58
C LEU A 289 7.84 -11.69 1.22
N ALA A 290 7.82 -11.59 2.56
CA ALA A 290 9.00 -11.31 3.35
C ALA A 290 10.13 -12.26 3.02
N LEU A 291 9.84 -13.57 2.97
CA LEU A 291 10.82 -14.57 2.54
C LEU A 291 11.29 -14.32 1.09
N GLY A 292 10.40 -14.04 0.14
CA GLY A 292 10.77 -13.76 -1.26
C GLY A 292 11.69 -12.54 -1.43
N ASN A 293 11.48 -11.49 -0.63
CA ASN A 293 12.34 -10.32 -0.55
C ASN A 293 13.73 -10.66 0.01
N VAL A 294 13.78 -11.51 1.05
CA VAL A 294 15.01 -12.02 1.68
C VAL A 294 15.87 -12.76 0.64
N ILE A 295 15.25 -13.59 -0.20
CA ILE A 295 15.97 -14.39 -1.19
C ILE A 295 16.62 -13.51 -2.27
N ASN A 296 15.89 -12.50 -2.79
CA ASN A 296 16.42 -11.53 -3.76
C ASN A 296 17.55 -10.68 -3.18
N ALA A 297 17.35 -10.20 -1.95
CA ALA A 297 18.39 -9.44 -1.28
C ALA A 297 19.64 -10.31 -1.05
N LEU A 298 19.56 -11.59 -0.65
CA LEU A 298 20.77 -12.42 -0.52
C LEU A 298 21.58 -12.52 -1.81
N ALA A 299 20.88 -12.77 -2.91
CA ALA A 299 21.47 -12.99 -4.23
C ALA A 299 22.38 -11.84 -4.71
N ASP A 300 21.97 -10.59 -4.48
CA ASP A 300 22.75 -9.38 -4.83
C ASP A 300 23.03 -8.48 -3.61
N SER A 301 21.99 -7.89 -3.02
CA SER A 301 22.14 -6.81 -2.03
C SER A 301 22.89 -7.24 -0.76
N LYS A 302 22.78 -8.50 -0.34
CA LYS A 302 23.57 -9.05 0.76
C LYS A 302 25.03 -9.23 0.38
N ARG A 303 25.31 -9.67 -0.85
CA ARG A 303 26.69 -9.73 -1.36
C ARG A 303 27.40 -8.39 -1.14
N LYS A 304 26.67 -7.27 -1.27
CA LYS A 304 27.08 -5.95 -0.76
C LYS A 304 27.11 -5.90 0.78
N ASN A 305 26.00 -6.17 1.49
CA ASN A 305 25.86 -5.83 2.91
C ASN A 305 24.86 -6.71 3.70
N GLN A 306 24.36 -6.19 4.82
CA GLN A 306 23.32 -6.82 5.62
C GLN A 306 21.93 -6.88 4.96
N HIS A 307 21.63 -6.18 3.85
CA HIS A 307 20.29 -5.60 3.62
C HIS A 307 19.13 -6.55 3.64
N ILE A 308 19.38 -7.79 3.21
CA ILE A 308 18.32 -8.78 3.15
C ILE A 308 17.68 -8.64 4.51
N PRO A 309 16.36 -8.52 4.47
CA PRO A 309 15.55 -8.27 5.64
C PRO A 309 15.19 -9.56 6.38
N TYR A 310 16.06 -10.01 7.28
CA TYR A 310 15.74 -11.08 8.21
C TYR A 310 14.61 -10.69 9.17
N ARG A 311 14.46 -9.39 9.44
CA ARG A 311 13.50 -8.90 10.44
C ARG A 311 12.05 -9.16 10.06
N ASN A 312 11.76 -9.27 8.76
CA ASN A 312 10.39 -9.19 8.24
C ASN A 312 9.43 -10.22 8.84
N SER A 313 9.91 -11.44 9.14
CA SER A 313 9.11 -12.48 9.78
C SER A 313 9.83 -13.08 10.97
N LYS A 314 9.06 -13.67 11.88
CA LYS A 314 9.60 -14.48 12.97
C LYS A 314 10.42 -15.66 12.45
N LEU A 315 9.96 -16.33 11.40
CA LEU A 315 10.72 -17.41 10.78
C LEU A 315 12.08 -16.90 10.29
N THR A 316 12.12 -15.82 9.52
CA THR A 316 13.37 -15.25 8.97
C THR A 316 14.33 -14.68 10.01
N ARG A 317 13.84 -14.34 11.21
CA ARG A 317 14.67 -13.95 12.37
C ARG A 317 15.43 -15.13 12.99
N LEU A 318 14.76 -16.27 13.20
CA LEU A 318 15.37 -17.55 13.59
C LEU A 318 16.19 -18.17 12.44
N LEU A 319 15.76 -17.95 11.19
CA LEU A 319 16.47 -18.47 10.02
C LEU A 319 17.78 -17.71 9.77
N LYS A 320 17.92 -16.51 10.36
CA LYS A 320 19.12 -15.70 10.24
C LYS A 320 20.32 -16.41 10.85
N ASP A 321 20.26 -16.84 12.10
CA ASP A 321 21.26 -17.75 12.65
C ASP A 321 21.17 -19.18 12.06
N SER A 322 20.03 -19.65 11.53
CA SER A 322 20.07 -21.02 10.93
C SER A 322 20.76 -21.06 9.54
N LEU A 323 20.09 -20.62 8.47
CA LEU A 323 20.74 -20.50 7.17
C LEU A 323 21.82 -19.41 7.18
N GLY A 324 21.46 -18.21 7.63
CA GLY A 324 22.38 -17.07 7.52
C GLY A 324 23.67 -17.31 8.31
N GLY A 325 23.56 -18.06 9.41
CA GLY A 325 24.67 -18.50 10.26
C GLY A 325 25.54 -19.54 9.59
N ASN A 326 24.94 -20.60 8.99
CA ASN A 326 25.65 -21.61 8.21
C ASN A 326 24.87 -22.17 7.02
N CYS A 327 25.61 -22.62 5.99
CA CYS A 327 25.13 -23.68 5.12
C CYS A 327 24.79 -24.98 5.87
N GLN A 328 24.25 -26.00 5.19
CA GLN A 328 23.63 -25.96 3.85
C GLN A 328 22.11 -25.89 3.96
N THR A 329 21.51 -25.24 2.96
CA THR A 329 20.07 -25.35 2.68
C THR A 329 19.79 -26.10 1.38
N ILE A 330 18.60 -26.68 1.32
CA ILE A 330 17.97 -27.28 0.15
C ILE A 330 16.51 -26.81 0.11
N MET A 331 16.00 -26.40 -1.05
CA MET A 331 14.56 -26.20 -1.23
C MET A 331 13.97 -27.29 -2.11
N ILE A 332 12.96 -27.95 -1.58
CA ILE A 332 12.06 -28.79 -2.35
C ILE A 332 10.87 -27.94 -2.79
N ALA A 333 10.95 -27.39 -3.99
CA ALA A 333 9.82 -26.78 -4.66
C ALA A 333 8.82 -27.86 -5.09
N ALA A 334 7.74 -28.08 -4.34
CA ALA A 334 6.63 -28.89 -4.82
C ALA A 334 5.79 -28.09 -5.82
N VAL A 335 5.61 -28.66 -6.99
CA VAL A 335 4.68 -28.21 -8.01
C VAL A 335 3.61 -29.24 -8.24
N SER A 336 2.52 -28.89 -8.91
CA SER A 336 1.66 -29.89 -9.51
C SER A 336 1.04 -29.49 -10.81
N PRO A 337 0.66 -30.49 -11.63
CA PRO A 337 0.18 -30.22 -12.96
C PRO A 337 -1.25 -29.67 -13.11
N SER A 338 -2.00 -29.39 -12.04
CA SER A 338 -3.32 -28.76 -12.23
C SER A 338 -3.19 -27.40 -12.90
N SER A 339 -4.24 -27.01 -13.63
CA SER A 339 -4.38 -25.66 -14.19
C SER A 339 -4.59 -24.60 -13.12
N VAL A 340 -5.29 -24.87 -12.03
CA VAL A 340 -5.43 -23.90 -10.93
C VAL A 340 -4.11 -23.70 -10.21
N PHE A 341 -3.36 -24.80 -10.07
CA PHE A 341 -2.03 -24.72 -9.51
C PHE A 341 -1.05 -24.04 -10.47
N TYR A 342 -1.41 -23.66 -11.71
CA TYR A 342 -0.48 -22.98 -12.62
C TYR A 342 0.17 -21.73 -12.00
N ASP A 343 -0.58 -20.86 -11.32
CA ASP A 343 0.06 -19.64 -10.79
C ASP A 343 1.00 -19.98 -9.62
N ASP A 344 0.51 -20.88 -8.77
CA ASP A 344 1.20 -21.44 -7.64
C ASP A 344 2.51 -22.15 -8.00
N THR A 345 2.47 -23.09 -8.93
CA THR A 345 3.60 -23.87 -9.45
C THR A 345 4.55 -23.02 -10.25
N TYR A 346 4.02 -22.07 -11.04
CA TYR A 346 4.86 -21.20 -11.81
C TYR A 346 5.66 -20.33 -10.87
N ASN A 347 4.99 -19.69 -9.92
CA ASN A 347 5.65 -18.95 -8.86
C ASN A 347 6.44 -19.83 -7.88
N THR A 348 6.17 -21.14 -7.74
CA THR A 348 7.12 -22.10 -7.14
C THR A 348 8.41 -22.17 -7.96
N LEU A 349 8.34 -22.29 -9.28
CA LEU A 349 9.53 -22.28 -10.15
C LEU A 349 10.22 -20.90 -10.27
N LYS A 350 9.48 -19.80 -10.14
CA LYS A 350 10.06 -18.45 -9.95
C LYS A 350 10.85 -18.40 -8.65
N TYR A 351 10.34 -19.06 -7.62
CA TYR A 351 11.02 -19.20 -6.34
C TYR A 351 12.29 -20.04 -6.46
N ALA A 352 12.24 -21.11 -7.25
CA ALA A 352 13.40 -21.88 -7.64
C ALA A 352 14.50 -21.02 -8.29
N ASN A 353 14.14 -20.16 -9.25
CA ASN A 353 15.07 -19.23 -9.87
C ASN A 353 15.66 -18.26 -8.84
N ARG A 354 14.84 -17.73 -7.94
CA ARG A 354 15.27 -16.86 -6.83
C ARG A 354 16.20 -17.57 -5.83
N ALA A 355 15.89 -18.81 -5.46
CA ALA A 355 16.70 -19.62 -4.54
C ALA A 355 18.01 -20.10 -5.20
N LYS A 356 17.98 -20.33 -6.52
CA LYS A 356 19.18 -20.62 -7.32
C LYS A 356 20.08 -19.41 -7.46
N ASP A 357 19.50 -18.22 -7.61
CA ASP A 357 20.17 -16.92 -7.63
C ASP A 357 20.88 -16.64 -6.27
N ILE A 358 20.24 -17.06 -5.15
CA ILE A 358 20.97 -17.32 -3.88
C ILE A 358 22.08 -18.35 -4.13
N LYS A 359 23.28 -17.78 -4.02
CA LYS A 359 24.46 -18.52 -3.60
C LYS A 359 24.76 -18.32 -2.11
N SER A 360 24.72 -19.42 -1.36
CA SER A 360 25.47 -19.52 -0.10
C SER A 360 26.90 -20.06 -0.33
N SER A 361 27.91 -19.47 0.33
CA SER A 361 29.11 -20.25 0.65
C SER A 361 28.77 -21.33 1.66
N LEU A 362 29.43 -22.49 1.55
CA LEU A 362 29.59 -23.33 2.73
C LEU A 362 30.28 -22.58 3.89
N LYS A 363 29.82 -22.81 5.11
CA LYS A 363 30.38 -22.22 6.33
C LYS A 363 30.58 -23.33 7.35
N SER A 364 31.76 -23.38 7.96
CA SER A 364 32.00 -24.28 9.08
C SER A 364 31.06 -24.02 10.24
N ASN A 365 30.69 -25.09 10.96
CA ASN A 365 30.15 -24.99 12.30
C ASN A 365 30.93 -25.94 13.21
N VAL A 366 31.61 -25.36 14.20
CA VAL A 366 32.34 -26.10 15.22
C VAL A 366 32.04 -25.45 16.57
N LEU A 367 31.81 -26.24 17.62
CA LEU A 367 32.10 -25.83 18.99
C LEU A 367 33.36 -26.56 19.48
N ASN A 368 33.93 -26.10 20.59
CA ASN A 368 35.00 -26.82 21.25
C ASN A 368 34.50 -28.09 21.98
N ARG B 2 -28.89 1.33 -28.95
CA ARG B 2 -29.11 2.77 -29.07
C ARG B 2 -28.43 3.53 -27.93
N GLU B 3 -28.73 3.21 -26.68
CA GLU B 3 -28.15 3.95 -25.54
C GLU B 3 -26.74 3.48 -25.20
N CYS B 4 -26.13 4.12 -24.22
CA CYS B 4 -24.84 3.76 -23.66
C CYS B 4 -24.84 4.15 -22.18
N ILE B 5 -25.00 3.18 -21.28
CA ILE B 5 -24.86 3.44 -19.84
C ILE B 5 -23.50 4.08 -19.55
N SER B 6 -23.29 4.60 -18.35
CA SER B 6 -22.01 5.06 -17.89
C SER B 6 -21.76 4.72 -16.44
N ILE B 7 -20.53 4.31 -16.13
CA ILE B 7 -20.13 3.95 -14.77
C ILE B 7 -18.93 4.76 -14.34
N HIS B 8 -19.21 5.81 -13.58
CA HIS B 8 -18.18 6.70 -13.09
C HIS B 8 -17.58 6.17 -11.80
N VAL B 9 -16.39 5.60 -11.91
CA VAL B 9 -15.70 4.96 -10.80
C VAL B 9 -14.50 5.79 -10.30
N GLY B 10 -14.34 5.79 -8.98
CA GLY B 10 -13.28 6.48 -8.30
C GLY B 10 -13.69 7.92 -8.09
N GLN B 11 -13.15 8.57 -7.05
CA GLN B 11 -13.48 9.96 -6.79
C GLN B 11 -13.35 10.78 -8.05
N ALA B 12 -12.18 10.73 -8.69
CA ALA B 12 -11.93 11.49 -9.91
C ALA B 12 -12.90 11.16 -11.05
N GLY B 13 -13.10 9.88 -11.37
CA GLY B 13 -14.12 9.40 -12.31
C GLY B 13 -15.54 9.87 -12.00
N VAL B 14 -15.77 10.29 -10.75
CA VAL B 14 -17.00 10.88 -10.24
C VAL B 14 -17.00 12.41 -10.33
N GLN B 15 -15.85 13.09 -10.12
CA GLN B 15 -15.71 14.55 -10.26
C GLN B 15 -15.83 14.96 -11.74
N ILE B 16 -15.10 14.24 -12.59
CA ILE B 16 -15.25 14.30 -14.05
C ILE B 16 -16.67 13.92 -14.43
N GLY B 17 -17.27 12.96 -13.70
CA GLY B 17 -18.60 12.47 -13.95
C GLY B 17 -19.62 13.54 -13.70
N ASN B 18 -19.54 14.24 -12.56
CA ASN B 18 -20.39 15.38 -12.23
C ASN B 18 -20.26 16.48 -13.29
N ALA B 19 -19.07 16.66 -13.85
CA ALA B 19 -18.80 17.65 -14.88
C ALA B 19 -19.33 17.29 -16.28
N CYS B 20 -18.97 16.12 -16.82
CA CYS B 20 -19.56 15.60 -18.06
C CYS B 20 -21.09 15.55 -17.92
N TRP B 21 -21.57 15.19 -16.73
CA TRP B 21 -22.99 15.14 -16.46
C TRP B 21 -23.63 16.52 -16.38
N GLU B 22 -22.84 17.53 -16.02
CA GLU B 22 -23.30 18.91 -15.97
C GLU B 22 -23.49 19.45 -17.38
N LEU B 23 -22.43 19.40 -18.19
CA LEU B 23 -22.45 19.85 -19.58
C LEU B 23 -23.64 19.27 -20.36
N TYR B 24 -24.04 18.04 -20.03
CA TYR B 24 -25.20 17.38 -20.63
C TYR B 24 -26.48 18.16 -20.51
N CYS B 25 -27.08 18.19 -19.33
CA CYS B 25 -28.35 18.88 -19.17
C CYS B 25 -28.30 20.33 -19.69
N LEU B 26 -27.11 20.94 -19.58
CA LEU B 26 -26.84 22.30 -19.97
C LEU B 26 -27.08 22.55 -21.47
N GLU B 27 -26.86 21.53 -22.30
CA GLU B 27 -27.10 21.55 -23.74
C GLU B 27 -28.34 20.76 -24.16
N HIS B 28 -29.18 20.38 -23.20
CA HIS B 28 -30.41 19.61 -23.44
C HIS B 28 -31.62 20.26 -22.77
N GLY B 29 -31.45 21.45 -22.20
CA GLY B 29 -32.52 22.22 -21.56
C GLY B 29 -33.19 21.51 -20.40
N ILE B 30 -32.46 20.66 -19.67
CA ILE B 30 -32.99 19.91 -18.53
C ILE B 30 -32.35 20.44 -17.24
N GLN B 31 -32.92 21.48 -16.65
CA GLN B 31 -32.41 22.10 -15.43
C GLN B 31 -32.24 21.09 -14.24
N PRO B 32 -31.77 21.53 -13.04
CA PRO B 32 -31.52 20.70 -11.86
C PRO B 32 -32.45 19.50 -11.66
N ASP B 33 -33.75 19.76 -11.69
CA ASP B 33 -34.82 18.77 -11.54
C ASP B 33 -35.67 18.73 -12.81
N GLY B 34 -35.39 17.79 -13.71
CA GLY B 34 -36.18 17.62 -14.93
C GLY B 34 -36.98 16.32 -14.92
N HIS B 61 -34.89 14.97 -16.27
CA HIS B 61 -35.58 13.69 -16.40
C HIS B 61 -35.06 12.68 -15.37
N VAL B 62 -34.16 11.83 -15.84
CA VAL B 62 -33.48 10.77 -15.12
C VAL B 62 -32.17 10.54 -15.88
N PRO B 63 -31.03 10.41 -15.19
CA PRO B 63 -29.75 10.06 -15.77
C PRO B 63 -29.78 8.63 -16.31
N ARG B 64 -28.61 8.12 -16.68
CA ARG B 64 -28.50 6.82 -17.32
C ARG B 64 -27.18 6.14 -16.93
N ALA B 65 -26.76 6.36 -15.69
CA ALA B 65 -25.44 5.99 -15.21
C ALA B 65 -25.42 5.66 -13.74
N VAL B 66 -24.25 5.33 -13.24
CA VAL B 66 -24.02 5.06 -11.82
C VAL B 66 -22.72 5.69 -11.35
N PHE B 67 -22.55 5.71 -10.03
CA PHE B 67 -21.38 6.29 -9.37
C PHE B 67 -20.86 5.38 -8.30
N VAL B 68 -19.60 5.00 -8.41
CA VAL B 68 -18.96 4.05 -7.49
C VAL B 68 -17.74 4.66 -6.82
N ASP B 69 -17.64 4.45 -5.51
CA ASP B 69 -16.51 4.87 -4.70
C ASP B 69 -16.52 4.16 -3.35
N LEU B 70 -15.32 3.87 -2.82
CA LEU B 70 -15.12 3.28 -1.50
C LEU B 70 -14.80 4.34 -0.44
N GLU B 71 -14.98 5.61 -0.81
CA GLU B 71 -14.90 6.75 0.07
C GLU B 71 -16.23 7.51 0.00
N PRO B 72 -17.05 7.46 1.05
CA PRO B 72 -18.39 8.03 0.99
C PRO B 72 -18.40 9.53 0.68
N THR B 73 -17.52 10.30 1.34
CA THR B 73 -17.47 11.76 1.31
C THR B 73 -17.44 12.33 -0.11
N VAL B 74 -16.94 11.59 -1.11
CA VAL B 74 -16.92 12.10 -2.48
C VAL B 74 -18.23 11.91 -3.23
N ILE B 75 -18.79 10.71 -3.24
CA ILE B 75 -20.11 10.51 -3.87
C ILE B 75 -21.15 11.34 -3.12
N ASP B 76 -20.89 11.59 -1.84
CA ASP B 76 -21.63 12.52 -1.03
C ASP B 76 -21.62 13.94 -1.60
N GLU B 77 -20.58 14.35 -2.33
CA GLU B 77 -20.54 15.65 -3.01
C GLU B 77 -21.56 15.74 -4.16
N VAL B 78 -21.95 14.60 -4.71
CA VAL B 78 -23.04 14.49 -5.69
C VAL B 78 -24.40 14.39 -4.96
N ARG B 79 -24.38 13.98 -3.70
CA ARG B 79 -25.54 13.91 -2.80
C ARG B 79 -25.80 15.21 -2.03
N THR B 80 -24.83 16.12 -1.97
CA THR B 80 -24.88 17.39 -1.25
C THR B 80 -24.89 18.55 -2.22
N GLY B 81 -23.90 18.59 -3.11
CA GLY B 81 -23.70 19.69 -4.03
C GLY B 81 -24.71 19.72 -5.18
N THR B 82 -24.36 20.46 -6.22
CA THR B 82 -25.20 20.66 -7.41
C THR B 82 -25.61 19.31 -8.02
N TYR B 83 -26.63 19.32 -8.87
CA TYR B 83 -27.12 18.09 -9.51
C TYR B 83 -27.49 17.05 -8.44
N ARG B 84 -28.10 17.51 -7.34
CA ARG B 84 -28.33 16.68 -6.17
C ARG B 84 -29.47 15.69 -6.41
N GLN B 85 -30.61 16.22 -6.83
CA GLN B 85 -31.84 15.45 -7.06
C GLN B 85 -32.01 14.98 -8.50
N LEU B 86 -31.02 15.21 -9.35
CA LEU B 86 -31.06 14.64 -10.70
C LEU B 86 -30.67 13.16 -10.68
N PHE B 87 -30.31 12.58 -9.55
CA PHE B 87 -29.91 11.18 -9.47
C PHE B 87 -30.83 10.42 -8.54
N HIS B 88 -30.84 9.12 -8.76
CA HIS B 88 -31.48 8.21 -7.84
C HIS B 88 -30.41 7.83 -6.83
N PRO B 89 -30.71 7.82 -5.51
CA PRO B 89 -29.84 7.22 -4.49
C PRO B 89 -29.49 5.73 -4.74
N GLU B 90 -30.04 5.14 -5.80
CA GLU B 90 -29.83 3.79 -6.27
C GLU B 90 -28.69 3.69 -7.26
N GLN B 91 -28.44 4.72 -8.08
CA GLN B 91 -27.30 4.82 -8.99
C GLN B 91 -26.09 5.52 -8.35
N LEU B 92 -26.07 5.62 -7.02
CA LEU B 92 -24.99 6.21 -6.24
C LEU B 92 -24.50 5.17 -5.22
N ILE B 93 -23.59 4.30 -5.66
CA ILE B 93 -22.98 3.28 -4.82
C ILE B 93 -21.82 3.86 -4.02
N THR B 94 -21.77 3.48 -2.76
CA THR B 94 -20.70 3.87 -1.84
C THR B 94 -20.35 2.69 -0.95
N GLY B 95 -19.11 2.63 -0.51
CA GLY B 95 -18.65 1.68 0.49
C GLY B 95 -18.00 2.48 1.60
N LYS B 96 -18.80 2.91 2.59
CA LYS B 96 -18.39 3.74 3.75
C LYS B 96 -16.99 3.47 4.30
N GLU B 97 -16.54 2.22 4.14
CA GLU B 97 -15.24 1.66 4.45
C GLU B 97 -14.11 2.56 3.90
N ASP B 98 -13.14 1.98 3.22
CA ASP B 98 -11.90 2.67 2.94
C ASP B 98 -11.51 2.61 1.47
N ALA B 99 -11.02 3.72 0.97
CA ALA B 99 -10.63 3.83 -0.42
C ALA B 99 -9.34 3.09 -0.71
N ALA B 100 -8.29 3.55 -0.02
CA ALA B 100 -6.93 3.05 -0.14
C ALA B 100 -6.35 3.32 -1.52
N ASN B 101 -5.28 4.09 -1.64
CA ASN B 101 -4.62 4.30 -2.94
C ASN B 101 -3.85 3.09 -3.46
N ASN B 102 -4.42 1.91 -3.32
CA ASN B 102 -3.81 0.70 -3.79
C ASN B 102 -4.86 -0.17 -4.51
N TYR B 103 -4.52 -0.50 -5.74
CA TYR B 103 -5.16 -1.45 -6.63
C TYR B 103 -5.70 -2.67 -5.90
N ALA B 104 -4.82 -3.53 -5.36
CA ALA B 104 -5.17 -4.77 -4.68
C ALA B 104 -6.38 -4.69 -3.78
N ARG B 105 -6.29 -3.82 -2.78
CA ARG B 105 -7.36 -3.59 -1.84
C ARG B 105 -8.62 -3.26 -2.62
N GLY B 106 -8.58 -2.22 -3.45
CA GLY B 106 -9.73 -1.78 -4.24
C GLY B 106 -10.23 -2.79 -5.28
N HIS B 107 -9.40 -3.68 -5.82
CA HIS B 107 -9.84 -4.75 -6.72
C HIS B 107 -10.35 -5.96 -5.93
N TYR B 108 -9.40 -6.64 -5.29
CA TYR B 108 -9.57 -7.80 -4.44
C TYR B 108 -10.25 -7.35 -3.14
N THR B 109 -9.63 -7.63 -1.98
CA THR B 109 -10.13 -7.36 -0.62
C THR B 109 -11.44 -6.56 -0.57
N ILE B 110 -11.36 -5.22 -0.51
CA ILE B 110 -12.50 -4.38 -0.19
C ILE B 110 -13.42 -4.27 -1.38
N GLY B 111 -12.93 -3.71 -2.49
CA GLY B 111 -13.76 -3.39 -3.65
C GLY B 111 -14.60 -4.56 -4.14
N LYS B 112 -14.17 -5.79 -3.82
CA LYS B 112 -14.97 -6.99 -4.00
C LYS B 112 -16.34 -6.87 -3.38
N GLU B 113 -16.46 -6.64 -2.08
CA GLU B 113 -17.75 -6.59 -1.37
C GLU B 113 -18.83 -5.78 -2.08
N ILE B 114 -18.44 -4.70 -2.75
CA ILE B 114 -19.38 -3.78 -3.39
C ILE B 114 -19.77 -4.24 -4.79
N ILE B 115 -18.83 -4.79 -5.56
CA ILE B 115 -19.03 -5.18 -6.96
C ILE B 115 -20.41 -5.76 -7.26
N ASP B 116 -20.88 -6.78 -6.54
CA ASP B 116 -22.19 -7.41 -6.78
C ASP B 116 -23.29 -6.36 -6.90
N LEU B 117 -23.44 -5.57 -5.83
CA LEU B 117 -24.32 -4.42 -5.74
C LEU B 117 -24.16 -3.45 -6.90
N VAL B 118 -22.90 -3.15 -7.25
CA VAL B 118 -22.56 -2.29 -8.38
C VAL B 118 -23.12 -2.84 -9.67
N LEU B 119 -22.72 -4.07 -10.01
CA LEU B 119 -23.22 -4.83 -11.14
C LEU B 119 -24.74 -4.77 -11.19
N ASP B 120 -25.37 -5.09 -10.08
CA ASP B 120 -26.82 -5.12 -9.98
C ASP B 120 -27.45 -3.87 -10.59
N ARG B 121 -26.88 -2.67 -10.39
CA ARG B 121 -27.35 -1.46 -11.06
C ARG B 121 -27.06 -1.45 -12.53
N ILE B 122 -25.87 -1.80 -13.01
CA ILE B 122 -25.58 -1.89 -14.45
C ILE B 122 -26.21 -3.11 -15.13
N ARG B 123 -27.07 -3.82 -14.41
CA ARG B 123 -27.94 -4.93 -14.86
C ARG B 123 -29.40 -4.59 -14.65
N LYS B 124 -29.71 -3.67 -13.75
CA LYS B 124 -31.03 -3.09 -13.47
C LYS B 124 -31.33 -1.90 -14.39
N LEU B 125 -30.30 -1.08 -14.63
CA LEU B 125 -30.29 0.07 -15.52
C LEU B 125 -30.09 -0.40 -16.97
N ALA B 126 -29.41 -1.54 -17.18
CA ALA B 126 -29.22 -2.14 -18.50
C ALA B 126 -30.44 -2.88 -19.03
N ASP B 127 -31.37 -3.24 -18.13
CA ASP B 127 -32.58 -3.96 -18.49
C ASP B 127 -33.69 -2.99 -18.89
N GLN B 128 -33.90 -1.96 -18.05
CA GLN B 128 -34.94 -0.94 -18.23
C GLN B 128 -34.96 -0.33 -19.64
N CYS B 129 -33.78 -0.13 -20.23
CA CYS B 129 -33.62 0.50 -21.54
C CYS B 129 -34.23 -0.31 -22.71
N THR B 130 -33.86 0.10 -23.92
CA THR B 130 -34.29 -0.52 -25.18
C THR B 130 -33.09 -0.72 -26.07
N GLY B 131 -32.66 -1.98 -26.25
CA GLY B 131 -31.52 -2.35 -27.10
C GLY B 131 -30.37 -1.37 -26.97
N LEU B 132 -29.58 -1.43 -25.90
CA LEU B 132 -28.43 -0.55 -25.66
C LEU B 132 -27.25 -0.91 -26.57
N GLN B 133 -26.18 -0.13 -26.46
CA GLN B 133 -24.95 -0.33 -27.20
C GLN B 133 -23.73 -0.57 -26.31
N GLY B 134 -23.72 -0.11 -25.07
CA GLY B 134 -22.57 -0.34 -24.20
C GLY B 134 -22.54 0.53 -22.95
N PHE B 135 -21.40 0.58 -22.29
CA PHE B 135 -21.20 1.35 -21.05
C PHE B 135 -19.95 2.24 -21.17
N SER B 136 -20.13 3.55 -21.24
CA SER B 136 -19.04 4.53 -21.16
C SER B 136 -18.52 4.64 -19.72
N VAL B 137 -17.46 3.91 -19.45
CA VAL B 137 -16.87 3.84 -18.10
C VAL B 137 -16.03 5.07 -17.85
N PHE B 138 -16.06 5.67 -16.66
CA PHE B 138 -15.18 6.78 -16.30
C PHE B 138 -14.34 6.44 -15.09
N HIS B 139 -13.03 6.25 -15.26
CA HIS B 139 -12.11 5.94 -14.17
C HIS B 139 -10.79 6.69 -14.28
N SER B 140 -10.05 6.70 -13.18
CA SER B 140 -8.79 7.44 -13.09
C SER B 140 -7.61 6.55 -12.84
N PHE B 141 -7.32 5.67 -13.79
CA PHE B 141 -6.14 4.80 -13.87
C PHE B 141 -5.32 4.62 -12.59
N GLY B 142 -4.59 5.65 -12.11
CA GLY B 142 -3.75 5.58 -10.93
C GLY B 142 -4.46 5.91 -9.60
N GLY B 143 -5.56 5.24 -9.28
CA GLY B 143 -6.23 5.42 -7.97
C GLY B 143 -6.40 4.11 -7.23
N GLY B 144 -7.21 4.06 -6.19
CA GLY B 144 -7.53 2.78 -5.54
C GLY B 144 -8.86 2.19 -5.98
N THR B 145 -9.89 3.03 -5.82
CA THR B 145 -11.23 2.72 -6.34
C THR B 145 -11.27 2.86 -7.86
N GLY B 146 -10.44 3.72 -8.45
CA GLY B 146 -10.50 3.91 -9.90
C GLY B 146 -9.72 2.87 -10.68
N SER B 147 -8.61 2.40 -10.13
CA SER B 147 -7.81 1.36 -10.76
C SER B 147 -8.44 -0.01 -10.51
N GLY B 148 -8.34 -0.45 -9.26
CA GLY B 148 -8.63 -1.76 -8.76
C GLY B 148 -10.07 -2.11 -9.00
N PHE B 149 -11.01 -1.49 -8.32
CA PHE B 149 -12.42 -1.83 -8.52
C PHE B 149 -12.82 -1.99 -9.99
N THR B 150 -12.66 -0.95 -10.82
CA THR B 150 -13.09 -0.99 -12.23
C THR B 150 -12.50 -2.13 -12.98
N SER B 151 -11.25 -2.44 -12.68
CA SER B 151 -10.56 -3.60 -13.19
C SER B 151 -11.42 -4.83 -13.16
N LEU B 152 -12.08 -5.12 -12.02
CA LEU B 152 -13.06 -6.19 -11.93
C LEU B 152 -14.47 -5.86 -12.43
N LEU B 153 -14.85 -4.57 -12.43
CA LEU B 153 -16.16 -4.14 -12.90
C LEU B 153 -16.25 -4.38 -14.40
N MET B 154 -15.36 -3.75 -15.17
CA MET B 154 -15.12 -4.06 -16.57
C MET B 154 -14.90 -5.54 -16.79
N GLU B 155 -14.30 -6.19 -15.79
CA GLU B 155 -14.04 -7.63 -15.85
C GLU B 155 -15.34 -8.42 -15.92
N ARG B 156 -16.18 -8.16 -14.92
CA ARG B 156 -17.49 -8.79 -14.81
C ARG B 156 -18.43 -8.37 -15.94
N LEU B 157 -18.18 -7.25 -16.63
CA LEU B 157 -18.97 -6.79 -17.77
C LEU B 157 -18.66 -7.56 -19.05
N SER B 158 -17.38 -7.69 -19.40
CA SER B 158 -16.95 -8.41 -20.60
C SER B 158 -17.45 -9.84 -20.68
N VAL B 159 -17.90 -10.39 -19.55
CA VAL B 159 -18.52 -11.71 -19.48
C VAL B 159 -20.04 -11.63 -19.51
N ASP B 160 -20.65 -10.69 -18.79
CA ASP B 160 -22.11 -10.57 -18.69
C ASP B 160 -22.73 -9.94 -19.96
N TYR B 161 -21.91 -9.21 -20.73
CA TYR B 161 -22.34 -8.51 -21.92
C TYR B 161 -21.22 -8.46 -22.95
N GLY B 162 -20.53 -9.57 -23.19
CA GLY B 162 -19.47 -9.60 -24.20
C GLY B 162 -19.94 -9.11 -25.57
N LYS B 163 -21.25 -9.19 -25.82
CA LYS B 163 -21.98 -8.70 -27.01
C LYS B 163 -22.21 -7.18 -27.11
N LYS B 164 -21.39 -6.33 -26.51
CA LYS B 164 -21.63 -4.87 -26.50
C LYS B 164 -20.32 -4.11 -26.65
N SER B 165 -20.43 -2.79 -26.52
CA SER B 165 -19.32 -1.88 -26.47
C SER B 165 -18.87 -1.61 -25.04
N LYS B 166 -17.56 -1.57 -24.83
CA LYS B 166 -16.93 -1.26 -23.54
C LYS B 166 -15.92 -0.15 -23.68
N LEU B 167 -16.41 1.05 -23.94
CA LEU B 167 -15.51 2.17 -24.14
C LEU B 167 -15.19 2.80 -22.79
N GLU B 168 -13.98 2.61 -22.28
CA GLU B 168 -13.59 3.20 -21.01
C GLU B 168 -12.83 4.52 -21.21
N PHE B 169 -13.38 5.57 -20.65
CA PHE B 169 -12.75 6.87 -20.66
C PHE B 169 -11.85 7.03 -19.43
N SER B 170 -10.55 6.91 -19.64
CA SER B 170 -9.54 7.05 -18.58
C SER B 170 -8.86 8.42 -18.52
N ILE B 171 -8.32 8.67 -17.33
CA ILE B 171 -7.49 9.80 -16.99
C ILE B 171 -6.13 9.29 -16.52
N TYR B 172 -5.36 8.81 -17.47
CA TYR B 172 -4.10 8.19 -17.16
C TYR B 172 -3.15 9.19 -16.45
N PRO B 173 -2.35 8.70 -15.47
CA PRO B 173 -1.17 9.32 -14.85
C PRO B 173 -0.45 10.45 -15.59
N ALA B 174 -0.37 11.60 -14.92
CA ALA B 174 0.44 12.69 -15.41
C ALA B 174 1.92 12.26 -15.57
N PRO B 175 2.54 12.58 -16.71
CA PRO B 175 3.87 12.15 -17.14
C PRO B 175 4.99 12.51 -16.14
N GLN B 176 4.83 13.60 -15.38
CA GLN B 176 5.79 14.03 -14.34
C GLN B 176 5.10 14.51 -13.07
N VAL B 177 3.84 14.89 -13.18
CA VAL B 177 3.06 15.51 -12.13
C VAL B 177 2.06 14.52 -11.55
N SER B 178 2.53 13.30 -11.30
CA SER B 178 1.67 12.33 -10.65
C SER B 178 1.32 12.81 -9.24
N THR B 179 0.36 12.13 -8.62
CA THR B 179 -0.02 12.44 -7.25
C THR B 179 0.39 11.32 -6.32
N ALA B 180 -0.40 10.25 -6.30
CA ALA B 180 -0.09 9.07 -5.51
C ALA B 180 1.36 8.68 -5.70
N VAL B 181 1.95 8.18 -4.62
CA VAL B 181 3.35 7.77 -4.62
C VAL B 181 3.51 6.50 -5.43
N VAL B 182 2.47 5.67 -5.37
CA VAL B 182 2.43 4.37 -6.01
C VAL B 182 1.87 4.38 -7.41
N GLU B 183 1.03 5.37 -7.77
CA GLU B 183 0.39 5.58 -9.10
C GLU B 183 0.66 4.48 -10.15
N PRO B 184 1.90 4.31 -10.68
CA PRO B 184 2.24 3.21 -11.58
C PRO B 184 1.82 1.81 -11.14
N TYR B 185 2.00 1.41 -9.88
CA TYR B 185 1.44 0.14 -9.39
C TYR B 185 -0.04 0.02 -9.65
N ASN B 186 -0.78 1.08 -9.36
CA ASN B 186 -2.19 1.14 -9.65
C ASN B 186 -2.52 1.19 -11.14
N SER B 187 -1.66 1.70 -12.01
CA SER B 187 -2.00 1.91 -13.42
C SER B 187 -1.42 0.89 -14.39
N ILE B 188 -0.39 0.14 -13.96
CA ILE B 188 0.05 -1.06 -14.67
C ILE B 188 -0.90 -2.22 -14.36
N LEU B 189 -1.66 -2.09 -13.27
CA LEU B 189 -2.59 -3.12 -12.87
C LEU B 189 -4.00 -2.89 -13.37
N THR B 190 -4.39 -1.64 -13.62
CA THR B 190 -5.69 -1.42 -14.28
C THR B 190 -5.61 -1.68 -15.76
N THR B 191 -4.44 -1.47 -16.35
CA THR B 191 -4.27 -1.66 -17.78
C THR B 191 -4.33 -3.15 -18.13
N HIS B 192 -3.64 -4.03 -17.38
CA HIS B 192 -3.50 -5.45 -17.70
C HIS B 192 -4.80 -6.22 -17.49
N THR B 193 -5.57 -5.78 -16.50
CA THR B 193 -6.80 -6.46 -16.13
C THR B 193 -7.97 -6.03 -17.01
N THR B 194 -7.94 -4.76 -17.48
CA THR B 194 -8.98 -4.18 -18.30
C THR B 194 -8.71 -4.43 -19.78
N LEU B 195 -7.43 -4.63 -20.14
CA LEU B 195 -6.97 -4.73 -21.52
C LEU B 195 -7.73 -5.79 -22.31
N GLU B 196 -7.98 -6.90 -21.65
CA GLU B 196 -8.62 -8.07 -22.24
C GLU B 196 -10.15 -7.98 -22.18
N HIS B 197 -10.66 -6.79 -21.86
CA HIS B 197 -12.04 -6.54 -21.47
C HIS B 197 -12.62 -5.29 -22.10
N SER B 198 -11.84 -4.25 -22.40
CA SER B 198 -12.36 -3.06 -23.05
C SER B 198 -12.47 -3.23 -24.55
N ASP B 199 -13.24 -2.33 -25.13
CA ASP B 199 -13.38 -2.20 -26.55
C ASP B 199 -12.53 -1.09 -27.13
N CYS B 200 -12.64 0.11 -26.56
CA CYS B 200 -11.81 1.25 -26.93
C CYS B 200 -11.60 2.09 -25.68
N ALA B 201 -10.37 2.34 -25.29
CA ALA B 201 -10.11 3.11 -24.08
C ALA B 201 -9.73 4.55 -24.44
N PHE B 202 -10.63 5.51 -24.27
CA PHE B 202 -10.21 6.90 -24.44
C PHE B 202 -9.25 7.30 -23.35
N MET B 203 -8.34 8.21 -23.69
CA MET B 203 -7.36 8.69 -22.72
C MET B 203 -7.25 10.20 -22.79
N VAL B 204 -7.23 10.76 -21.60
CA VAL B 204 -7.05 12.18 -21.34
C VAL B 204 -6.02 12.30 -20.22
N ASP B 205 -4.89 12.89 -20.52
CA ASP B 205 -3.84 13.12 -19.53
C ASP B 205 -4.10 14.40 -18.73
N ASN B 206 -4.15 14.24 -17.42
CA ASN B 206 -4.39 15.36 -16.53
C ASN B 206 -3.39 16.53 -16.69
N GLU B 207 -2.08 16.25 -16.74
CA GLU B 207 -1.09 17.32 -16.91
C GLU B 207 -1.14 17.96 -18.30
N ALA B 208 -1.11 17.17 -19.37
CA ALA B 208 -1.16 17.75 -20.72
C ALA B 208 -2.44 18.52 -21.02
N ILE B 209 -3.44 18.47 -20.13
CA ILE B 209 -4.57 19.38 -20.14
C ILE B 209 -4.21 20.71 -19.52
N TYR B 210 -3.45 20.71 -18.44
CA TYR B 210 -3.02 21.95 -17.80
C TYR B 210 -2.24 22.83 -18.73
N ASP B 211 -1.41 22.24 -19.59
CA ASP B 211 -0.74 23.00 -20.63
C ASP B 211 -1.74 23.74 -21.51
N ILE B 212 -2.85 23.12 -21.87
CA ILE B 212 -3.94 23.76 -22.61
C ILE B 212 -4.58 24.90 -21.80
N CYS B 213 -4.65 24.76 -20.48
CA CYS B 213 -5.18 25.80 -19.59
C CYS B 213 -4.18 26.95 -19.42
N ARG B 214 -2.88 26.71 -19.61
CA ARG B 214 -1.83 27.71 -19.49
C ARG B 214 -1.61 28.41 -20.83
N ARG B 215 -1.38 27.61 -21.87
CA ARG B 215 -1.00 28.02 -23.22
C ARG B 215 -2.20 28.40 -24.08
N ASN B 216 -3.33 27.71 -23.99
CA ASN B 216 -4.45 27.87 -24.91
C ASN B 216 -5.70 28.40 -24.24
N LEU B 217 -5.54 29.19 -23.18
CA LEU B 217 -6.69 29.69 -22.42
C LEU B 217 -6.26 30.69 -21.37
N ASP B 218 -4.98 30.60 -21.01
CA ASP B 218 -4.27 31.47 -20.07
C ASP B 218 -4.93 31.56 -18.70
N ILE B 219 -4.42 30.76 -17.77
CA ILE B 219 -4.90 30.68 -16.40
C ILE B 219 -3.95 29.77 -15.63
N GLU B 220 -3.33 30.32 -14.60
CA GLU B 220 -2.52 29.57 -13.63
C GLU B 220 -3.33 29.23 -12.39
N ARG B 221 -4.65 29.49 -12.48
CA ARG B 221 -5.68 29.05 -11.55
C ARG B 221 -6.57 27.92 -12.14
N PRO B 222 -6.08 26.78 -12.64
CA PRO B 222 -6.98 25.73 -13.11
C PRO B 222 -7.39 24.85 -11.94
N THR B 223 -8.62 25.05 -11.44
CA THR B 223 -9.16 24.10 -10.45
C THR B 223 -9.37 22.75 -11.14
N TYR B 224 -9.47 21.66 -10.39
CA TYR B 224 -9.89 20.37 -10.96
C TYR B 224 -11.23 20.43 -11.64
N THR B 225 -12.09 21.29 -11.08
CA THR B 225 -13.38 21.64 -11.65
C THR B 225 -13.31 22.12 -13.08
N ASN B 226 -12.15 22.54 -13.61
CA ASN B 226 -11.95 23.01 -14.98
C ASN B 226 -11.52 21.92 -15.94
N LEU B 227 -10.50 21.14 -15.58
CA LEU B 227 -10.13 19.97 -16.37
C LEU B 227 -11.31 19.08 -16.60
N ASN B 228 -12.17 18.99 -15.59
CA ASN B 228 -13.41 18.28 -15.69
C ASN B 228 -14.41 18.93 -16.66
N ARG B 229 -14.49 20.26 -16.76
CA ARG B 229 -15.28 20.96 -17.79
C ARG B 229 -14.77 20.66 -19.18
N LEU B 230 -13.45 20.47 -19.30
CA LEU B 230 -12.78 20.23 -20.57
C LEU B 230 -13.00 18.82 -21.07
N ILE B 231 -12.76 17.82 -20.23
CA ILE B 231 -13.16 16.44 -20.57
C ILE B 231 -14.67 16.35 -20.65
N GLY B 232 -15.30 17.12 -19.80
CA GLY B 232 -16.73 17.34 -19.80
C GLY B 232 -17.23 17.88 -21.15
N GLN B 233 -16.34 18.46 -21.96
CA GLN B 233 -16.55 18.91 -23.33
C GLN B 233 -16.23 17.87 -24.38
N ILE B 234 -14.97 17.44 -24.47
CA ILE B 234 -14.56 16.39 -25.39
C ILE B 234 -15.52 15.22 -25.28
N VAL B 235 -15.95 14.83 -24.09
CA VAL B 235 -16.83 13.68 -23.90
C VAL B 235 -18.20 13.95 -24.47
N SER B 236 -18.69 15.18 -24.33
CA SER B 236 -19.98 15.55 -24.91
C SER B 236 -20.00 15.37 -26.41
N SER B 237 -18.84 15.54 -27.00
CA SER B 237 -18.70 15.30 -28.41
C SER B 237 -18.79 13.83 -28.81
N ILE B 238 -18.39 12.94 -27.89
CA ILE B 238 -18.40 11.50 -28.05
C ILE B 238 -19.83 11.04 -28.01
N THR B 239 -20.38 10.81 -26.82
CA THR B 239 -21.74 10.30 -26.68
C THR B 239 -22.75 11.35 -27.10
N ALA B 240 -23.08 12.27 -26.18
CA ALA B 240 -24.14 13.30 -26.27
C ALA B 240 -24.60 13.60 -27.70
N SER B 241 -23.80 14.39 -28.41
CA SER B 241 -24.07 14.89 -29.75
C SER B 241 -23.97 13.85 -30.85
N LEU B 242 -23.21 12.78 -30.65
CA LEU B 242 -23.07 11.79 -31.70
C LEU B 242 -24.20 10.77 -31.74
N ARG B 243 -24.65 10.36 -30.55
CA ARG B 243 -25.91 9.63 -30.39
C ARG B 243 -27.11 10.47 -30.80
N PHE B 244 -26.88 11.77 -30.97
CA PHE B 244 -27.80 12.73 -31.53
C PHE B 244 -27.61 12.75 -33.06
N ASP B 245 -28.73 12.66 -33.79
CA ASP B 245 -28.86 12.93 -35.22
C ASP B 245 -27.88 13.99 -35.77
N GLY B 246 -27.58 13.85 -37.06
CA GLY B 246 -26.64 14.72 -37.73
C GLY B 246 -26.49 14.36 -39.19
N ALA B 247 -25.64 15.11 -39.89
CA ALA B 247 -25.39 14.87 -41.31
C ALA B 247 -24.44 13.70 -41.59
N LEU B 248 -23.80 13.14 -40.55
CA LEU B 248 -22.88 12.02 -40.71
C LEU B 248 -22.71 11.18 -39.44
N ASN B 249 -23.83 10.83 -38.80
CA ASN B 249 -23.89 10.05 -37.55
C ASN B 249 -22.80 8.99 -37.42
N VAL B 250 -22.42 8.73 -36.16
CA VAL B 250 -21.38 7.76 -35.82
C VAL B 250 -21.78 7.06 -34.52
N ASP B 251 -22.46 5.93 -34.63
CA ASP B 251 -22.66 5.01 -33.50
C ASP B 251 -21.38 4.78 -32.63
N LEU B 252 -21.50 4.25 -31.43
CA LEU B 252 -20.41 3.86 -30.54
C LEU B 252 -19.68 2.67 -31.12
N THR B 253 -20.40 1.65 -31.60
CA THR B 253 -19.75 0.55 -32.32
C THR B 253 -18.85 1.08 -33.42
N GLU B 254 -19.33 2.07 -34.18
CA GLU B 254 -18.53 2.71 -35.24
C GLU B 254 -17.12 3.07 -34.80
N PHE B 255 -16.97 3.63 -33.59
CA PHE B 255 -15.68 3.93 -32.97
C PHE B 255 -14.80 2.73 -33.00
N GLN B 256 -14.96 1.79 -32.06
CA GLN B 256 -14.10 0.62 -31.94
C GLN B 256 -13.85 -0.07 -33.30
N THR B 257 -14.83 -0.05 -34.21
CA THR B 257 -14.61 -0.53 -35.56
C THR B 257 -13.59 0.32 -36.33
N ASN B 258 -13.93 1.58 -36.58
CA ASN B 258 -13.08 2.54 -37.30
C ASN B 258 -11.84 2.99 -36.51
N LEU B 259 -11.73 2.66 -35.21
CA LEU B 259 -10.71 3.17 -34.30
C LEU B 259 -9.73 2.15 -33.77
N VAL B 260 -10.09 0.88 -33.62
CA VAL B 260 -9.16 -0.13 -33.11
C VAL B 260 -8.72 -1.01 -34.27
N PRO B 261 -7.41 -1.07 -34.55
CA PRO B 261 -6.93 -1.98 -35.55
C PRO B 261 -6.77 -3.38 -34.97
N TYR B 262 -6.56 -3.48 -33.64
CA TYR B 262 -6.27 -4.75 -33.00
C TYR B 262 -6.92 -4.89 -31.63
N PRO B 263 -7.33 -6.11 -31.27
CA PRO B 263 -8.06 -6.53 -30.06
C PRO B 263 -7.57 -6.02 -28.72
N ARG B 264 -6.27 -5.71 -28.55
CA ARG B 264 -5.86 -4.96 -27.36
C ARG B 264 -6.85 -3.81 -27.25
N GLY B 265 -7.44 -3.55 -26.09
CA GLY B 265 -8.48 -2.54 -25.85
C GLY B 265 -8.10 -1.09 -26.17
N HIS B 266 -7.21 -0.92 -27.15
CA HIS B 266 -6.52 0.19 -27.74
C HIS B 266 -7.11 1.51 -27.37
N PHE B 267 -6.16 2.40 -27.18
CA PHE B 267 -6.36 3.55 -26.37
C PHE B 267 -6.12 4.77 -27.22
N PRO B 268 -7.13 5.25 -27.94
CA PRO B 268 -7.00 6.51 -28.60
C PRO B 268 -6.90 7.68 -27.61
N LEU B 269 -6.60 8.86 -28.14
CA LEU B 269 -6.34 10.08 -27.37
C LEU B 269 -7.43 11.04 -27.69
N ALA B 270 -7.91 11.81 -26.73
CA ALA B 270 -8.91 12.80 -27.03
C ALA B 270 -8.30 14.17 -27.31
N THR B 271 -8.89 14.92 -28.22
CA THR B 271 -8.40 16.26 -28.59
C THR B 271 -9.61 17.10 -28.92
N TYR B 272 -9.59 18.38 -28.58
CA TYR B 272 -10.65 19.31 -28.95
C TYR B 272 -10.06 20.45 -29.76
N ALA B 273 -10.82 21.13 -30.60
CA ALA B 273 -10.23 22.17 -31.44
C ALA B 273 -10.39 23.59 -30.89
N PRO B 274 -11.61 24.17 -30.86
CA PRO B 274 -11.77 25.55 -30.44
C PRO B 274 -11.68 25.64 -28.92
N VAL B 275 -10.46 25.48 -28.42
CA VAL B 275 -10.14 25.64 -27.00
C VAL B 275 -9.72 27.06 -26.72
N ILE B 276 -10.35 28.02 -27.38
CA ILE B 276 -10.03 29.43 -27.20
C ILE B 276 -10.64 29.94 -25.88
N SER B 277 -10.04 30.97 -25.31
CA SER B 277 -10.50 31.69 -24.11
C SER B 277 -11.68 32.60 -24.33
N ALA B 278 -12.70 32.49 -23.46
CA ALA B 278 -13.88 33.33 -23.55
C ALA B 278 -13.74 34.74 -22.96
N GLU B 279 -12.60 35.36 -23.14
CA GLU B 279 -12.33 36.67 -22.54
C GLU B 279 -11.20 37.37 -23.26
N LYS B 280 -10.04 36.69 -23.31
CA LYS B 280 -8.80 37.18 -23.91
C LYS B 280 -9.01 37.47 -25.40
N ALA B 281 -8.36 36.65 -26.21
CA ALA B 281 -8.36 36.78 -27.64
C ALA B 281 -9.76 36.53 -28.16
N TYR B 282 -10.00 36.99 -29.37
CA TYR B 282 -11.24 36.71 -30.06
C TYR B 282 -11.10 36.80 -31.55
N HIS B 283 -10.74 35.64 -32.09
CA HIS B 283 -10.82 35.34 -33.50
C HIS B 283 -11.91 34.30 -33.77
N GLU B 284 -12.54 33.77 -32.71
CA GLU B 284 -13.64 32.77 -32.68
C GLU B 284 -14.03 32.16 -34.02
N GLN B 285 -14.62 32.96 -34.93
CA GLN B 285 -14.79 32.71 -36.36
C GLN B 285 -13.51 32.19 -37.01
N LEU B 286 -13.32 30.90 -36.84
CA LEU B 286 -12.12 30.20 -37.22
C LEU B 286 -12.57 29.03 -38.08
N SER B 287 -13.10 29.35 -39.27
CA SER B 287 -13.60 28.35 -40.23
C SER B 287 -12.87 27.00 -40.12
N VAL B 288 -13.60 25.95 -40.48
CA VAL B 288 -13.14 24.55 -40.39
C VAL B 288 -11.64 24.36 -40.69
N ALA B 289 -11.23 24.84 -41.86
CA ALA B 289 -9.86 24.82 -42.35
C ALA B 289 -8.80 25.14 -41.28
N GLU B 290 -9.17 25.87 -40.23
CA GLU B 290 -8.32 26.22 -39.10
C GLU B 290 -8.48 25.27 -37.91
N ILE B 291 -9.71 25.08 -37.39
CA ILE B 291 -9.97 24.23 -36.21
C ILE B 291 -9.48 22.80 -36.42
N THR B 292 -9.44 22.31 -37.65
CA THR B 292 -8.95 20.96 -37.92
C THR B 292 -7.44 20.87 -37.86
N ASN B 293 -6.76 21.90 -38.36
CA ASN B 293 -5.32 21.96 -38.27
C ASN B 293 -4.85 22.11 -36.82
N ALA B 294 -5.68 22.76 -35.99
CA ALA B 294 -5.44 22.95 -34.57
C ALA B 294 -5.58 21.68 -33.73
N CYS B 295 -5.99 20.56 -34.34
CA CYS B 295 -6.06 19.30 -33.64
C CYS B 295 -4.72 18.55 -33.65
N PHE B 296 -4.01 18.57 -34.78
CA PHE B 296 -2.77 17.79 -34.94
C PHE B 296 -1.54 18.49 -34.38
N GLU B 297 -1.59 19.81 -34.16
CA GLU B 297 -0.53 20.41 -33.37
C GLU B 297 -0.53 19.76 -31.98
N PRO B 298 0.62 19.24 -31.52
CA PRO B 298 0.69 18.50 -30.26
C PRO B 298 0.29 19.30 -29.02
N ALA B 299 0.31 20.62 -29.07
CA ALA B 299 -0.04 21.45 -27.92
C ALA B 299 -1.54 21.63 -27.69
N ASN B 300 -2.35 20.60 -27.94
CA ASN B 300 -3.79 20.76 -27.88
C ASN B 300 -4.57 19.45 -27.72
N GLN B 301 -3.97 18.43 -27.11
CA GLN B 301 -4.47 17.06 -27.26
C GLN B 301 -4.76 16.34 -25.96
N MET B 302 -4.85 17.06 -24.83
CA MET B 302 -5.25 16.45 -23.56
C MET B 302 -4.44 15.18 -23.25
N VAL B 303 -3.19 15.14 -23.68
CA VAL B 303 -2.31 13.98 -23.56
C VAL B 303 -0.85 14.36 -23.77
N LYS B 304 0.03 14.00 -22.82
CA LYS B 304 1.48 14.25 -22.93
C LYS B 304 2.14 13.18 -23.79
N CYS B 305 1.51 12.89 -24.91
CA CYS B 305 1.97 11.91 -25.86
C CYS B 305 2.28 12.60 -27.18
N ASP B 306 2.75 13.86 -27.09
CA ASP B 306 3.19 14.68 -28.22
C ASP B 306 3.64 13.74 -29.35
N PRO B 307 3.09 13.79 -30.59
CA PRO B 307 3.41 12.90 -31.71
C PRO B 307 4.90 12.92 -32.08
N ARG B 308 5.73 12.51 -31.13
CA ARG B 308 7.18 12.49 -31.08
C ARG B 308 7.73 11.57 -32.15
N HIS B 309 6.87 10.69 -32.67
CA HIS B 309 7.12 9.75 -33.74
C HIS B 309 5.86 8.94 -34.06
N GLY B 310 4.97 8.83 -33.08
CA GLY B 310 3.80 8.01 -33.15
C GLY B 310 2.94 8.32 -34.35
N LYS B 311 2.94 7.39 -35.30
CA LYS B 311 2.14 7.48 -36.50
C LYS B 311 0.70 7.30 -36.09
N TYR B 312 -0.16 8.22 -36.48
CA TYR B 312 -1.59 7.96 -36.38
C TYR B 312 -1.90 6.72 -37.19
N MET B 313 -2.95 6.01 -36.81
CA MET B 313 -3.40 4.78 -37.48
C MET B 313 -4.89 4.75 -37.74
N ALA B 314 -5.58 5.77 -37.24
CA ALA B 314 -7.01 5.93 -37.36
C ALA B 314 -7.44 7.09 -36.48
N CYS B 315 -8.17 8.02 -37.08
CA CYS B 315 -8.67 9.19 -36.40
C CYS B 315 -10.17 9.30 -36.66
N CYS B 316 -10.94 9.65 -35.65
CA CYS B 316 -12.39 9.84 -35.80
C CYS B 316 -12.72 11.30 -35.54
N LEU B 317 -12.54 12.09 -36.59
CA LEU B 317 -12.85 13.49 -36.47
C LEU B 317 -14.34 13.73 -36.31
N LEU B 318 -14.75 13.96 -35.07
CA LEU B 318 -16.09 14.39 -34.76
C LEU B 318 -16.17 15.91 -34.80
N TYR B 319 -16.94 16.40 -35.75
CA TYR B 319 -17.28 17.78 -35.90
C TYR B 319 -18.69 17.97 -35.36
N ARG B 320 -18.98 19.21 -35.02
CA ARG B 320 -20.28 19.63 -34.55
C ARG B 320 -20.45 21.09 -34.87
N GLY B 321 -21.67 21.55 -35.10
CA GLY B 321 -21.94 22.92 -35.51
C GLY B 321 -22.09 23.07 -37.02
N ASP B 322 -21.90 24.29 -37.51
CA ASP B 322 -22.02 24.60 -38.93
C ASP B 322 -20.78 24.19 -39.72
N VAL B 323 -20.87 23.03 -40.38
CA VAL B 323 -19.76 22.46 -41.13
C VAL B 323 -20.26 21.90 -42.45
N VAL B 324 -19.67 22.39 -43.55
CA VAL B 324 -19.96 21.86 -44.89
C VAL B 324 -19.15 20.59 -45.09
N PRO B 325 -19.75 19.47 -45.48
CA PRO B 325 -19.02 18.23 -45.75
C PRO B 325 -17.88 18.33 -46.76
N LYS B 326 -17.93 19.29 -47.70
CA LYS B 326 -16.80 19.59 -48.60
C LYS B 326 -15.66 20.29 -47.88
N ASP B 327 -15.96 21.26 -47.01
CA ASP B 327 -14.99 21.92 -46.13
C ASP B 327 -14.16 20.89 -45.38
N VAL B 328 -14.80 19.79 -44.96
CA VAL B 328 -14.15 18.68 -44.27
C VAL B 328 -13.42 17.76 -45.23
N ASN B 329 -14.11 17.30 -46.27
CA ASN B 329 -13.60 16.50 -47.40
C ASN B 329 -12.70 17.34 -48.33
N ALA B 330 -11.82 18.13 -47.70
CA ALA B 330 -10.90 19.08 -48.27
C ALA B 330 -9.92 19.58 -47.20
N ALA B 331 -10.45 19.99 -46.05
CA ALA B 331 -9.66 20.31 -44.89
C ALA B 331 -8.94 19.08 -44.39
N ILE B 332 -9.47 17.87 -44.57
CA ILE B 332 -8.79 16.61 -44.29
C ILE B 332 -7.87 16.21 -45.44
N ALA B 333 -8.27 16.47 -46.69
CA ALA B 333 -7.46 16.17 -47.86
C ALA B 333 -6.12 16.91 -47.82
N THR B 334 -6.15 18.18 -47.43
CA THR B 334 -4.96 19.00 -47.22
C THR B 334 -4.03 18.33 -46.21
N ILE B 335 -4.62 17.74 -45.17
CA ILE B 335 -3.88 17.11 -44.07
C ILE B 335 -3.29 15.78 -44.50
N LYS B 336 -4.07 14.96 -45.24
CA LYS B 336 -3.60 13.69 -45.78
C LYS B 336 -2.32 13.84 -46.61
N THR B 337 -2.04 15.06 -47.08
CA THR B 337 -0.89 15.41 -47.90
C THR B 337 0.07 16.39 -47.23
N LYS B 338 0.07 16.46 -45.89
CA LYS B 338 1.07 17.22 -45.13
C LYS B 338 2.34 16.42 -44.89
N ARG B 339 2.24 15.09 -44.96
CA ARG B 339 3.28 14.05 -44.76
C ARG B 339 4.10 14.06 -43.48
N THR B 340 4.36 15.23 -42.92
CA THR B 340 4.93 15.42 -41.59
C THR B 340 3.95 14.96 -40.49
N ILE B 341 2.73 14.60 -40.89
CA ILE B 341 1.69 13.95 -40.08
C ILE B 341 1.71 12.41 -40.24
N GLN B 342 2.65 11.86 -41.00
CA GLN B 342 2.82 10.45 -41.33
C GLN B 342 1.84 9.47 -40.63
N PHE B 343 0.85 9.01 -41.41
CA PHE B 343 -0.02 7.92 -40.99
C PHE B 343 0.71 6.60 -41.14
N VAL B 344 0.17 5.54 -40.53
CA VAL B 344 0.69 4.19 -40.72
C VAL B 344 0.70 3.77 -42.19
N ASP B 345 1.56 2.81 -42.50
CA ASP B 345 1.71 2.20 -43.82
C ASP B 345 0.49 1.39 -44.26
N TRP B 346 0.17 0.34 -43.48
CA TRP B 346 -0.95 -0.58 -43.72
C TRP B 346 -2.32 0.10 -43.66
N CYS B 347 -2.35 1.42 -43.44
CA CYS B 347 -3.56 2.22 -43.42
C CYS B 347 -3.55 3.23 -44.59
N PRO B 348 -4.34 2.98 -45.64
CA PRO B 348 -4.53 3.90 -46.76
C PRO B 348 -5.15 5.20 -46.25
N THR B 349 -6.39 5.08 -45.79
CA THR B 349 -7.23 6.14 -45.28
C THR B 349 -7.71 5.74 -43.89
N GLY B 350 -7.43 6.58 -42.91
CA GLY B 350 -7.82 6.36 -41.52
C GLY B 350 -8.43 7.62 -40.93
N PHE B 351 -9.51 8.08 -41.55
CA PHE B 351 -10.21 9.33 -41.22
C PHE B 351 -11.72 9.11 -41.22
N LYS B 352 -12.25 8.81 -40.04
CA LYS B 352 -13.69 8.73 -39.82
C LYS B 352 -14.23 10.13 -39.58
N VAL B 353 -14.85 10.71 -40.60
CA VAL B 353 -15.50 12.01 -40.49
C VAL B 353 -16.86 11.82 -39.84
N GLY B 354 -17.05 12.33 -38.63
CA GLY B 354 -18.33 12.38 -37.97
C GLY B 354 -18.84 13.80 -37.88
N ILE B 355 -19.97 14.09 -38.52
CA ILE B 355 -20.58 15.42 -38.54
C ILE B 355 -21.87 15.34 -37.74
N ASN B 356 -21.95 16.26 -36.78
CA ASN B 356 -23.15 16.59 -36.02
C ASN B 356 -23.68 17.97 -36.42
N TYR B 357 -24.89 18.30 -36.00
CA TYR B 357 -25.52 19.59 -36.31
C TYR B 357 -25.29 20.62 -35.22
N GLU B 358 -25.94 20.42 -34.06
CA GLU B 358 -25.91 21.35 -32.95
C GLU B 358 -24.47 21.74 -32.60
N PRO B 359 -24.15 23.04 -32.64
CA PRO B 359 -22.84 23.51 -32.23
C PRO B 359 -22.52 23.09 -30.79
N PRO B 360 -21.28 23.25 -30.33
CA PRO B 360 -20.95 22.97 -28.93
C PRO B 360 -21.80 23.80 -27.97
N THR B 361 -21.63 23.58 -26.68
CA THR B 361 -22.40 24.31 -25.66
C THR B 361 -21.57 24.56 -24.44
N VAL B 362 -20.96 25.73 -24.41
CA VAL B 362 -20.07 26.11 -23.33
C VAL B 362 -20.84 26.46 -22.06
N VAL B 363 -20.18 26.21 -20.93
CA VAL B 363 -20.61 26.66 -19.61
C VAL B 363 -20.96 28.15 -19.64
N PRO B 364 -22.08 28.58 -19.05
CA PRO B 364 -22.56 29.96 -19.10
C PRO B 364 -21.49 31.03 -18.86
N GLY B 365 -20.57 30.76 -17.92
CA GLY B 365 -19.50 31.69 -17.58
C GLY B 365 -18.27 31.04 -16.98
N GLY B 366 -17.87 29.86 -17.49
CA GLY B 366 -16.61 29.24 -17.07
C GLY B 366 -15.42 30.04 -17.61
N ASP B 367 -14.78 29.49 -18.64
CA ASP B 367 -13.64 30.14 -19.34
C ASP B 367 -13.52 29.67 -20.80
N LEU B 368 -14.43 28.81 -21.24
CA LEU B 368 -14.41 28.24 -22.59
C LEU B 368 -14.95 29.28 -23.55
N ALA B 369 -14.31 29.50 -24.68
CA ALA B 369 -14.71 30.52 -25.65
C ALA B 369 -16.20 30.61 -25.93
N LYS B 370 -16.72 29.54 -26.56
CA LYS B 370 -18.03 29.45 -27.20
C LYS B 370 -17.97 29.82 -28.67
N VAL B 371 -17.58 28.82 -29.45
CA VAL B 371 -17.56 28.90 -30.92
C VAL B 371 -18.88 28.34 -31.48
N GLN B 372 -19.03 28.40 -32.80
CA GLN B 372 -20.16 27.79 -33.52
C GLN B 372 -19.79 26.55 -34.32
N ARG B 373 -18.72 25.89 -33.91
CA ARG B 373 -18.20 24.68 -34.52
C ARG B 373 -17.00 24.20 -33.71
N ALA B 374 -16.78 22.90 -33.65
CA ALA B 374 -15.61 22.31 -32.99
C ALA B 374 -15.22 20.98 -33.61
N VAL B 375 -14.01 20.53 -33.26
CA VAL B 375 -13.44 19.25 -33.70
C VAL B 375 -12.88 18.52 -32.49
N CYS B 376 -13.60 17.51 -32.09
CA CYS B 376 -13.21 16.55 -31.08
C CYS B 376 -12.63 15.30 -31.73
N MET B 377 -11.40 15.45 -32.21
CA MET B 377 -10.74 14.34 -32.84
C MET B 377 -10.09 13.46 -31.80
N LEU B 378 -10.26 12.18 -32.00
CA LEU B 378 -9.64 11.17 -31.19
C LEU B 378 -8.94 10.19 -32.10
N SER B 379 -7.92 9.51 -31.59
CA SER B 379 -7.15 8.63 -32.47
C SER B 379 -6.24 7.69 -31.76
N ASN B 380 -5.95 6.57 -32.41
CA ASN B 380 -4.89 5.70 -31.99
C ASN B 380 -3.61 6.19 -32.67
N THR B 381 -2.59 6.41 -31.86
CA THR B 381 -1.29 6.86 -32.35
C THR B 381 -0.29 5.86 -31.82
N THR B 382 0.71 5.55 -32.64
CA THR B 382 1.90 4.79 -32.19
C THR B 382 2.66 5.58 -31.11
N ALA B 383 2.20 6.80 -30.83
CA ALA B 383 2.84 7.72 -29.91
C ALA B 383 2.79 7.17 -28.50
N ILE B 384 1.67 6.53 -28.11
CA ILE B 384 1.54 5.99 -26.75
C ILE B 384 2.54 4.87 -26.48
N ALA B 385 3.24 4.39 -27.51
CA ALA B 385 4.46 3.61 -27.33
C ALA B 385 5.39 4.28 -26.31
N GLU B 386 5.44 5.62 -26.32
CA GLU B 386 6.03 6.44 -25.26
C GLU B 386 5.28 6.33 -23.95
N ALA B 387 4.21 7.11 -23.77
CA ALA B 387 3.42 7.20 -22.56
C ALA B 387 3.37 5.87 -21.76
N TRP B 388 3.13 4.74 -22.43
CA TRP B 388 3.19 3.43 -21.78
C TRP B 388 4.56 3.05 -21.27
N ALA B 389 5.58 3.19 -22.12
CA ALA B 389 6.98 3.03 -21.75
C ALA B 389 7.34 3.80 -20.48
N ARG B 390 7.19 5.13 -20.52
CA ARG B 390 7.52 6.02 -19.40
C ARG B 390 6.76 5.71 -18.11
N LEU B 391 5.60 5.07 -18.21
CA LEU B 391 4.78 4.68 -17.08
C LEU B 391 5.12 3.28 -16.56
N ASP B 392 5.63 2.43 -17.47
CA ASP B 392 6.09 1.10 -17.18
C ASP B 392 7.43 1.17 -16.45
N HIS B 393 8.36 1.96 -16.98
CA HIS B 393 9.68 2.14 -16.37
C HIS B 393 9.59 2.59 -14.91
N LYS B 394 8.69 3.55 -14.64
CA LYS B 394 8.27 3.97 -13.29
C LYS B 394 8.09 2.77 -12.37
N PHE B 395 7.11 1.94 -12.71
CA PHE B 395 6.73 0.73 -12.00
C PHE B 395 7.94 -0.11 -11.60
N ASP B 396 8.78 -0.46 -12.57
CA ASP B 396 9.97 -1.27 -12.36
C ASP B 396 10.86 -0.71 -11.28
N LEU B 397 11.19 0.59 -11.33
CA LEU B 397 12.04 1.22 -10.32
C LEU B 397 11.62 0.95 -8.87
N MET B 398 10.32 1.01 -8.60
CA MET B 398 9.80 0.68 -7.29
C MET B 398 9.66 -0.83 -7.05
N TYR B 399 9.14 -1.59 -8.02
CA TYR B 399 9.00 -3.05 -7.91
C TYR B 399 10.33 -3.75 -7.75
N ALA B 400 11.36 -3.15 -8.34
CA ALA B 400 12.76 -3.51 -8.23
C ALA B 400 13.25 -3.47 -6.79
N LYS B 401 12.55 -2.73 -5.93
CA LYS B 401 12.78 -2.66 -4.50
C LYS B 401 11.58 -3.07 -3.67
N ARG B 402 10.53 -3.57 -4.32
CA ARG B 402 9.27 -3.93 -3.68
C ARG B 402 8.54 -2.73 -3.12
N ALA B 403 9.14 -1.56 -2.94
CA ALA B 403 8.54 -0.36 -2.35
C ALA B 403 7.29 -0.66 -1.49
N PHE B 404 6.14 -0.15 -1.92
CA PHE B 404 4.84 -0.34 -1.28
C PHE B 404 4.17 -1.68 -1.61
N VAL B 405 4.93 -2.74 -1.82
CA VAL B 405 4.37 -4.03 -2.21
C VAL B 405 3.63 -4.62 -1.03
N HIS B 406 4.19 -4.56 0.19
CA HIS B 406 3.52 -5.17 1.36
C HIS B 406 2.11 -4.63 1.58
N TRP B 407 1.78 -3.49 0.95
CA TRP B 407 0.45 -2.93 0.97
C TRP B 407 -0.57 -3.63 0.11
N TYR B 408 -0.14 -4.36 -0.91
CA TYR B 408 -1.05 -5.10 -1.77
C TYR B 408 -1.08 -6.57 -1.42
N VAL B 409 0.07 -7.14 -1.09
CA VAL B 409 0.16 -8.56 -0.72
C VAL B 409 -0.73 -8.87 0.46
N GLY B 410 -0.65 -8.00 1.48
CA GLY B 410 -1.52 -8.01 2.64
C GLY B 410 -2.99 -7.72 2.33
N GLU B 411 -3.34 -7.61 1.05
CA GLU B 411 -4.67 -7.29 0.51
C GLU B 411 -5.10 -8.29 -0.56
N GLY B 412 -4.57 -9.52 -0.51
CA GLY B 412 -5.00 -10.57 -1.41
C GLY B 412 -4.52 -10.37 -2.83
N MET B 413 -3.22 -10.25 -2.97
CA MET B 413 -2.46 -10.23 -4.22
C MET B 413 -1.17 -10.98 -3.96
N GLU B 414 -0.27 -11.01 -4.94
CA GLU B 414 0.88 -11.89 -4.87
C GLU B 414 2.01 -11.30 -5.69
N GLU B 415 3.22 -11.87 -5.56
CA GLU B 415 4.29 -11.59 -6.51
C GLU B 415 3.88 -11.85 -7.97
N GLY B 416 2.91 -12.76 -8.14
CA GLY B 416 2.30 -13.13 -9.41
C GLY B 416 1.68 -11.93 -10.06
N GLU B 417 0.57 -11.41 -9.51
CA GLU B 417 -0.18 -10.33 -10.18
C GLU B 417 0.65 -9.11 -10.56
N PHE B 418 1.68 -8.74 -9.77
CA PHE B 418 2.60 -7.70 -10.21
C PHE B 418 3.47 -8.15 -11.38
N SER B 419 4.44 -9.04 -11.12
CA SER B 419 5.36 -9.53 -12.13
C SER B 419 4.66 -10.03 -13.41
N GLU B 420 3.45 -10.58 -13.29
CA GLU B 420 2.69 -11.18 -14.37
C GLU B 420 1.77 -10.16 -15.08
N ALA B 421 1.62 -8.96 -14.51
CA ALA B 421 0.98 -7.80 -15.14
C ALA B 421 2.00 -6.82 -15.72
N ARG B 422 3.25 -7.00 -15.31
CA ARG B 422 4.39 -6.30 -15.86
C ARG B 422 4.74 -6.89 -17.21
N GLU B 423 4.92 -8.22 -17.24
CA GLU B 423 5.08 -8.98 -18.48
C GLU B 423 3.94 -8.69 -19.45
N ASP B 424 2.73 -8.44 -18.92
CA ASP B 424 1.55 -8.09 -19.71
C ASP B 424 1.81 -6.85 -20.56
N MET B 425 2.02 -5.72 -19.88
CA MET B 425 2.29 -4.46 -20.56
C MET B 425 3.58 -4.48 -21.36
N ALA B 426 4.54 -5.35 -21.01
CA ALA B 426 5.72 -5.54 -21.84
C ALA B 426 5.33 -5.83 -23.30
N ALA B 427 4.39 -6.76 -23.53
CA ALA B 427 3.83 -7.04 -24.85
C ALA B 427 2.80 -6.00 -25.33
N LEU B 428 2.71 -4.86 -24.65
CA LEU B 428 1.97 -3.68 -25.06
C LEU B 428 2.91 -2.56 -25.52
N GLU B 429 4.17 -2.64 -25.09
CA GLU B 429 5.29 -1.85 -25.59
C GLU B 429 5.77 -2.42 -26.92
N LYS B 430 5.70 -3.75 -27.08
CA LYS B 430 6.03 -4.43 -28.34
C LYS B 430 4.88 -4.34 -29.33
N ASP B 431 3.64 -4.44 -28.85
CA ASP B 431 2.45 -4.33 -29.71
C ASP B 431 2.38 -2.97 -30.37
N TYR B 432 2.42 -1.90 -29.56
CA TYR B 432 2.39 -0.54 -30.07
C TYR B 432 3.65 -0.13 -30.82
N GLU B 433 4.66 -0.98 -30.79
CA GLU B 433 5.85 -0.84 -31.61
C GLU B 433 5.70 -1.56 -32.94
N GLU B 434 5.21 -2.81 -32.97
CA GLU B 434 5.10 -3.64 -34.17
C GLU B 434 4.00 -3.20 -35.12
N VAL B 435 2.85 -2.78 -34.58
CA VAL B 435 1.74 -2.24 -35.40
C VAL B 435 2.13 -0.93 -36.10
N GLY B 436 3.30 -0.38 -35.80
CA GLY B 436 3.83 0.77 -36.47
C GLY B 436 5.33 0.67 -36.56
N VAL B 437 5.98 1.77 -36.92
CA VAL B 437 7.45 1.84 -37.10
C VAL B 437 8.02 0.92 -38.20
N ASP B 438 7.20 0.03 -38.77
CA ASP B 438 7.55 -1.05 -39.68
C ASP B 438 6.53 -1.16 -40.83
N SER B 439 6.99 -1.63 -42.00
CA SER B 439 6.20 -1.62 -43.26
C SER B 439 6.01 -2.94 -44.05
N ARG C 2 -16.38 6.90 8.71
CA ARG C 2 -15.11 6.39 9.29
C ARG C 2 -14.94 6.96 10.68
N GLU C 3 -13.96 6.48 11.45
CA GLU C 3 -13.77 6.88 12.86
C GLU C 3 -12.39 6.65 13.44
N ILE C 4 -12.06 7.27 14.57
CA ILE C 4 -10.82 7.05 15.29
C ILE C 4 -11.06 7.21 16.78
N VAL C 5 -10.15 6.71 17.63
CA VAL C 5 -10.27 6.89 19.07
C VAL C 5 -8.92 7.26 19.69
N HIS C 6 -8.75 8.55 19.95
CA HIS C 6 -7.52 9.06 20.53
C HIS C 6 -7.13 8.35 21.85
N ILE C 7 -5.88 8.48 22.25
CA ILE C 7 -5.32 7.85 23.43
C ILE C 7 -4.25 8.76 24.04
N GLN C 8 -4.56 9.30 25.21
CA GLN C 8 -3.73 10.17 26.04
C GLN C 8 -2.85 9.40 27.03
N ALA C 9 -1.90 8.61 26.55
CA ALA C 9 -1.03 7.87 27.46
C ALA C 9 -0.03 8.78 28.20
N GLY C 10 0.12 8.55 29.51
CA GLY C 10 1.04 9.32 30.35
C GLY C 10 0.64 10.72 30.60
N GLN C 11 1.50 11.51 31.26
CA GLN C 11 1.18 12.89 31.54
C GLN C 11 1.32 13.69 30.28
N CYS C 12 2.49 13.65 29.63
CA CYS C 12 2.73 14.46 28.43
C CYS C 12 1.65 14.23 27.36
N GLY C 13 1.48 12.96 26.96
CA GLY C 13 0.42 12.55 26.04
C GLY C 13 -0.96 13.02 26.53
N ASN C 14 -1.11 13.17 27.85
CA ASN C 14 -2.27 13.79 28.43
C ASN C 14 -2.37 15.31 28.32
N GLN C 15 -1.37 16.03 28.79
CA GLN C 15 -1.21 17.47 28.72
C GLN C 15 -1.48 17.91 27.29
N ILE C 16 -0.89 17.20 26.32
CA ILE C 16 -1.13 17.40 24.89
C ILE C 16 -2.55 17.09 24.52
N GLY C 17 -3.14 16.05 25.06
CA GLY C 17 -4.54 15.75 24.84
C GLY C 17 -5.40 16.97 25.10
N ALA C 18 -5.20 17.67 26.22
CA ALA C 18 -5.91 18.93 26.48
C ALA C 18 -5.71 19.97 25.37
N LYS C 19 -4.54 20.01 24.72
CA LYS C 19 -4.26 20.95 23.63
C LYS C 19 -4.76 20.46 22.27
N PHE C 20 -4.66 19.16 22.01
CA PHE C 20 -5.21 18.53 20.82
C PHE C 20 -6.71 18.68 20.78
N TRP C 21 -7.37 18.52 21.92
CA TRP C 21 -8.81 18.67 22.02
C TRP C 21 -9.24 20.10 22.21
N GLU C 22 -8.39 20.94 22.80
CA GLU C 22 -8.61 22.40 22.86
C GLU C 22 -8.81 22.91 21.44
N VAL C 23 -7.88 22.53 20.55
CA VAL C 23 -7.89 22.91 19.14
C VAL C 23 -9.06 22.29 18.43
N ILE C 24 -8.95 20.99 18.11
CA ILE C 24 -9.89 20.22 17.30
C ILE C 24 -11.33 20.65 17.53
N SER C 25 -11.71 20.86 18.80
CA SER C 25 -13.06 21.23 19.17
C SER C 25 -13.49 22.53 18.54
N ASP C 26 -12.69 23.59 18.61
CA ASP C 26 -12.87 24.86 17.89
C ASP C 26 -12.84 24.67 16.37
N GLU C 27 -12.06 23.70 15.89
CA GLU C 27 -12.05 23.24 14.49
C GLU C 27 -13.29 22.38 14.16
N HIS C 28 -14.24 22.35 15.08
CA HIS C 28 -15.44 21.56 15.05
C HIS C 28 -16.56 22.22 15.86
N GLY C 29 -16.43 23.51 16.20
CA GLY C 29 -17.37 24.27 17.01
C GLY C 29 -17.92 23.58 18.26
N ILE C 30 -17.15 22.77 18.98
CA ILE C 30 -17.59 22.08 20.21
C ILE C 30 -17.12 22.83 21.45
N ASP C 31 -18.04 23.55 22.08
CA ASP C 31 -17.78 24.21 23.36
C ASP C 31 -17.63 23.18 24.47
N PRO C 32 -17.00 23.51 25.62
CA PRO C 32 -16.79 22.62 26.78
C PRO C 32 -17.70 21.41 26.88
N THR C 33 -18.92 21.56 27.39
CA THR C 33 -19.95 20.52 27.26
C THR C 33 -20.97 20.84 26.15
N GLY C 34 -20.97 22.10 25.69
CA GLY C 34 -21.82 22.55 24.59
C GLY C 34 -21.69 21.69 23.32
N SER C 35 -22.50 22.05 22.33
CA SER C 35 -22.62 21.28 21.09
C SER C 35 -21.85 21.91 19.97
N TYR C 36 -22.36 21.74 18.76
CA TYR C 36 -21.85 22.32 17.55
C TYR C 36 -22.38 23.74 17.37
N HIS C 37 -21.61 24.72 17.81
CA HIS C 37 -21.81 26.14 17.48
C HIS C 37 -21.27 26.50 16.11
N GLY C 38 -20.55 25.56 15.49
CA GLY C 38 -19.88 25.65 14.21
C GLY C 38 -20.31 26.83 13.38
N ASP C 39 -19.33 27.68 13.07
CA ASP C 39 -19.59 28.86 12.24
C ASP C 39 -20.19 28.48 10.88
N SER C 40 -19.84 27.27 10.42
CA SER C 40 -20.37 26.64 9.23
C SER C 40 -21.31 25.46 9.54
N ASP C 41 -21.45 24.59 8.55
CA ASP C 41 -22.33 23.41 8.58
C ASP C 41 -21.52 22.16 8.18
N LEU C 42 -20.31 22.37 7.63
CA LEU C 42 -19.41 21.32 7.18
C LEU C 42 -18.58 20.73 8.31
N GLN C 43 -18.33 21.51 9.37
CA GLN C 43 -17.59 21.04 10.54
C GLN C 43 -18.38 20.03 11.39
N LEU C 44 -19.39 19.36 10.81
CA LEU C 44 -20.34 18.49 11.48
C LEU C 44 -20.69 17.22 10.70
N GLU C 45 -20.64 17.23 9.38
CA GLU C 45 -21.01 16.03 8.61
C GLU C 45 -20.00 14.87 8.79
N ARG C 46 -18.85 15.17 9.39
CA ARG C 46 -17.77 14.23 9.59
C ARG C 46 -17.23 14.16 11.02
N ILE C 47 -17.79 14.91 11.97
CA ILE C 47 -17.27 14.94 13.36
C ILE C 47 -17.10 13.57 13.96
N ASN C 48 -18.05 12.64 13.66
CA ASN C 48 -18.15 11.30 14.22
C ASN C 48 -16.81 10.67 14.42
N VAL C 49 -15.86 10.91 13.51
CA VAL C 49 -14.44 10.58 13.64
C VAL C 49 -13.83 10.71 15.04
N TYR C 50 -14.26 11.69 15.83
CA TYR C 50 -13.77 11.94 17.17
C TYR C 50 -14.80 11.99 18.29
N TYR C 51 -16.09 11.85 18.02
CA TYR C 51 -17.11 12.07 19.04
C TYR C 51 -18.18 10.97 19.07
N ASN C 52 -19.18 11.13 19.94
CA ASN C 52 -20.32 10.23 20.06
C ASN C 52 -21.61 11.00 20.34
N GLU C 53 -22.71 10.48 19.82
CA GLU C 53 -24.04 11.04 20.02
C GLU C 53 -24.72 10.40 21.25
N ALA C 54 -25.06 11.23 22.23
CA ALA C 54 -25.80 10.80 23.43
C ALA C 54 -26.99 11.70 23.69
N ALA C 55 -26.71 12.92 24.19
CA ALA C 55 -27.75 13.89 24.45
C ALA C 55 -28.34 14.42 23.13
N GLY C 56 -27.65 15.38 22.55
CA GLY C 56 -28.05 16.11 21.35
C GLY C 56 -27.37 17.48 21.26
N ASN C 57 -26.62 17.80 22.31
CA ASN C 57 -25.73 18.92 22.41
C ASN C 57 -24.36 18.46 22.93
N LYS C 58 -24.23 17.20 23.35
CA LYS C 58 -23.06 16.70 24.05
C LYS C 58 -22.38 15.65 23.18
N TYR C 59 -21.64 16.13 22.20
CA TYR C 59 -20.74 15.26 21.44
C TYR C 59 -19.48 15.13 22.27
N VAL C 60 -19.29 13.94 22.86
CA VAL C 60 -18.13 13.73 23.73
C VAL C 60 -16.93 13.20 22.94
N PRO C 61 -15.73 13.80 23.07
CA PRO C 61 -14.48 13.26 22.57
C PRO C 61 -14.31 11.81 22.94
N ARG C 62 -14.00 10.99 21.93
CA ARG C 62 -13.83 9.55 22.05
C ARG C 62 -12.37 9.18 22.19
N ALA C 63 -11.79 9.63 23.28
CA ALA C 63 -10.41 9.36 23.61
C ALA C 63 -10.28 8.49 24.85
N ILE C 64 -9.04 8.19 25.23
CA ILE C 64 -8.76 7.50 26.49
C ILE C 64 -7.71 8.27 27.27
N LEU C 65 -7.88 8.39 28.57
CA LEU C 65 -6.93 9.11 29.42
C LEU C 65 -6.26 8.16 30.38
N VAL C 66 -5.07 7.72 30.01
CA VAL C 66 -4.36 6.65 30.70
C VAL C 66 -3.20 7.25 31.48
N ASP C 67 -3.26 7.17 32.80
CA ASP C 67 -2.21 7.75 33.64
C ASP C 67 -2.17 7.15 35.05
N LEU C 68 -0.98 6.89 35.61
CA LEU C 68 -0.78 6.35 36.95
C LEU C 68 -0.65 7.47 38.01
N GLU C 69 -0.68 8.73 37.58
CA GLU C 69 -0.47 9.90 38.43
C GLU C 69 -1.81 10.65 38.48
N PRO C 70 -2.55 10.61 39.59
CA PRO C 70 -3.86 11.28 39.67
C PRO C 70 -3.78 12.77 39.32
N GLY C 71 -2.97 13.53 40.06
CA GLY C 71 -2.77 14.98 39.93
C GLY C 71 -2.75 15.50 38.50
N THR C 72 -2.15 14.76 37.55
CA THR C 72 -2.21 15.07 36.12
C THR C 72 -3.63 15.08 35.56
N MET C 73 -4.27 13.93 35.39
CA MET C 73 -5.63 13.91 34.84
C MET C 73 -6.58 14.75 35.69
N ASP C 74 -6.24 14.99 36.96
CA ASP C 74 -6.91 15.87 37.93
C ASP C 74 -6.59 17.36 37.77
N SER C 75 -5.81 17.72 36.75
CA SER C 75 -5.46 19.07 36.31
C SER C 75 -6.06 19.34 34.93
N VAL C 76 -6.10 18.29 34.11
CA VAL C 76 -6.74 18.28 32.82
C VAL C 76 -8.25 18.24 32.98
N ARG C 77 -8.76 17.55 34.00
CA ARG C 77 -10.21 17.45 34.26
C ARG C 77 -10.74 18.62 35.10
N SER C 78 -9.85 19.37 35.76
CA SER C 78 -10.21 20.48 36.65
C SER C 78 -10.00 21.86 36.03
N GLY C 79 -9.63 21.92 34.75
CA GLY C 79 -9.32 23.16 34.06
C GLY C 79 -10.38 23.52 33.01
N PRO C 80 -9.96 23.96 31.81
CA PRO C 80 -10.84 24.42 30.73
C PRO C 80 -11.81 23.35 30.19
N PHE C 81 -11.57 22.84 28.98
CA PHE C 81 -12.32 21.76 28.33
C PHE C 81 -12.29 20.45 29.10
N GLY C 82 -11.60 20.38 30.24
CA GLY C 82 -11.51 19.20 31.09
C GLY C 82 -12.82 18.53 31.45
N GLN C 83 -13.95 19.24 31.41
CA GLN C 83 -15.27 18.70 31.74
C GLN C 83 -16.11 18.23 30.55
N ILE C 84 -15.46 17.79 29.47
CA ILE C 84 -16.16 17.25 28.29
C ILE C 84 -16.03 15.73 28.18
N PHE C 85 -14.92 15.19 28.70
CA PHE C 85 -14.65 13.76 28.68
C PHE C 85 -15.66 13.10 29.60
N ARG C 86 -16.33 12.06 29.12
CA ARG C 86 -17.13 11.25 30.03
C ARG C 86 -16.18 10.64 31.06
N PRO C 87 -16.51 10.63 32.36
CA PRO C 87 -15.64 10.13 33.41
C PRO C 87 -15.13 8.72 33.16
N ASP C 88 -15.89 7.93 32.41
CA ASP C 88 -15.57 6.58 31.97
C ASP C 88 -14.24 6.53 31.19
N ASN C 89 -13.87 7.63 30.53
CA ASN C 89 -12.62 7.78 29.78
C ASN C 89 -11.38 7.80 30.67
N PHE C 90 -11.49 8.36 31.89
CA PHE C 90 -10.36 8.45 32.80
C PHE C 90 -9.99 7.06 33.35
N VAL C 91 -8.97 6.46 32.75
CA VAL C 91 -8.35 5.24 33.28
C VAL C 91 -7.09 5.61 34.05
N PHE C 92 -7.32 6.04 35.29
CA PHE C 92 -6.28 6.36 36.26
C PHE C 92 -5.64 5.15 36.93
N GLY C 93 -4.49 5.37 37.54
CA GLY C 93 -3.81 4.34 38.30
C GLY C 93 -3.20 5.00 39.50
N GLN C 94 -3.97 5.27 40.55
CA GLN C 94 -3.49 6.03 41.72
C GLN C 94 -2.21 5.49 42.37
N SER C 95 -1.70 4.35 41.90
CA SER C 95 -0.41 3.78 42.23
C SER C 95 0.72 4.81 42.19
N GLY C 96 1.93 4.39 42.52
CA GLY C 96 3.06 5.29 42.30
C GLY C 96 3.41 5.27 40.82
N ALA C 97 3.15 6.37 40.09
CA ALA C 97 3.46 6.52 38.66
C ALA C 97 4.96 6.64 38.34
N GLY C 98 5.79 5.95 39.11
CA GLY C 98 7.24 5.99 39.03
C GLY C 98 7.71 6.14 37.60
N ASN C 99 8.79 6.88 37.46
CA ASN C 99 9.33 7.25 36.16
C ASN C 99 10.00 6.08 35.42
N ASN C 100 9.62 4.86 35.73
CA ASN C 100 10.24 3.71 35.17
C ASN C 100 9.36 3.13 34.08
N TRP C 101 9.96 2.88 32.92
CA TRP C 101 9.29 2.18 31.82
C TRP C 101 8.79 0.80 32.24
N ALA C 102 9.60 0.12 33.07
CA ALA C 102 9.23 -1.16 33.63
C ALA C 102 8.11 -1.07 34.67
N LYS C 103 8.07 0.05 35.40
CA LYS C 103 7.01 0.26 36.39
C LYS C 103 5.67 0.54 35.72
N GLY C 104 5.62 1.08 34.51
CA GLY C 104 4.34 1.29 33.82
C GLY C 104 4.06 0.25 32.74
N HIS C 105 4.91 -0.74 32.51
CA HIS C 105 4.71 -1.71 31.44
C HIS C 105 4.55 -3.13 31.95
N TYR C 106 5.18 -3.46 33.08
CA TYR C 106 5.18 -4.82 33.60
C TYR C 106 4.51 -4.92 34.95
N THR C 107 4.76 -3.95 35.84
CA THR C 107 4.35 -4.11 37.23
C THR C 107 3.13 -3.30 37.57
N GLU C 108 3.21 -1.98 37.40
CA GLU C 108 2.09 -1.11 37.78
C GLU C 108 1.17 -0.86 36.61
N GLY C 109 1.68 -0.64 35.41
CA GLY C 109 0.75 -0.41 34.29
C GLY C 109 0.01 -1.68 33.91
N ALA C 110 0.67 -2.85 33.96
CA ALA C 110 0.09 -4.14 33.55
C ALA C 110 -1.25 -4.48 34.22
N GLU C 111 -1.49 -3.97 35.44
CA GLU C 111 -2.77 -4.16 36.15
C GLU C 111 -3.86 -3.27 35.55
N LEU C 112 -3.53 -1.99 35.36
CA LEU C 112 -4.48 -1.00 34.91
C LEU C 112 -4.88 -1.23 33.46
N VAL C 113 -4.15 -2.05 32.73
CA VAL C 113 -4.36 -2.29 31.30
C VAL C 113 -5.73 -2.87 31.02
N ASP C 114 -6.12 -3.95 31.71
CA ASP C 114 -7.38 -4.62 31.43
C ASP C 114 -8.58 -3.68 31.63
N SER C 115 -8.49 -2.80 32.63
CA SER C 115 -9.48 -1.73 32.86
C SER C 115 -9.42 -0.60 31.82
N VAL C 116 -8.41 -0.62 30.94
CA VAL C 116 -8.26 0.28 29.80
C VAL C 116 -8.83 -0.37 28.57
N LEU C 117 -8.27 -1.53 28.17
CA LEU C 117 -8.75 -2.34 27.05
C LEU C 117 -10.26 -2.48 27.10
N ASP C 118 -10.83 -2.60 28.28
CA ASP C 118 -12.28 -2.60 28.48
C ASP C 118 -13.00 -1.44 27.77
N VAL C 119 -12.48 -0.23 28.00
CA VAL C 119 -13.01 1.01 27.45
C VAL C 119 -12.59 1.23 26.01
N VAL C 120 -11.35 0.90 25.64
CA VAL C 120 -10.89 0.99 24.24
C VAL C 120 -11.77 0.14 23.32
N ARG C 121 -12.45 -0.87 23.90
CA ARG C 121 -13.43 -1.70 23.23
C ARG C 121 -14.82 -1.11 23.27
N LYS C 122 -15.21 -0.49 24.40
CA LYS C 122 -16.47 0.26 24.49
C LYS C 122 -16.52 1.37 23.43
N GLU C 123 -15.39 2.01 23.18
CA GLU C 123 -15.27 3.10 22.22
C GLU C 123 -15.09 2.60 20.79
N SER C 124 -14.38 1.49 20.58
CA SER C 124 -14.20 0.91 19.24
C SER C 124 -15.51 0.35 18.70
N GLU C 125 -16.25 -0.36 19.56
CA GLU C 125 -17.56 -0.93 19.26
C GLU C 125 -18.66 0.12 19.36
N SER C 126 -18.30 1.41 19.35
CA SER C 126 -19.22 2.54 19.35
C SER C 126 -20.28 2.36 18.26
N CYS C 127 -19.95 2.73 17.03
CA CYS C 127 -20.76 2.56 15.86
C CYS C 127 -19.91 2.68 14.59
N ASP C 128 -20.63 2.67 13.47
CA ASP C 128 -20.11 2.77 12.10
C ASP C 128 -18.88 1.86 11.89
N CYS C 129 -17.88 2.36 11.16
CA CYS C 129 -16.62 1.66 10.95
C CYS C 129 -15.46 2.44 11.57
N LEU C 130 -14.65 1.71 12.35
CA LEU C 130 -13.40 2.20 12.90
C LEU C 130 -12.33 2.26 11.80
N GLN C 131 -11.54 3.33 11.83
CA GLN C 131 -10.34 3.48 11.01
C GLN C 131 -9.11 3.07 11.81
N GLY C 132 -8.82 3.75 12.92
CA GLY C 132 -7.63 3.52 13.74
C GLY C 132 -7.69 4.21 15.08
N PHE C 133 -6.54 4.41 15.73
CA PHE C 133 -6.42 5.08 17.02
C PHE C 133 -5.25 6.06 17.00
N GLN C 134 -5.48 7.24 17.55
CA GLN C 134 -4.43 8.26 17.73
C GLN C 134 -3.78 7.97 19.07
N LEU C 135 -2.47 8.08 19.18
CA LEU C 135 -1.78 7.84 20.43
C LEU C 135 -0.82 8.97 20.71
N THR C 136 -0.95 9.61 21.84
CA THR C 136 -0.05 10.68 22.29
C THR C 136 0.63 10.24 23.56
N HIS C 137 1.90 10.62 23.71
CA HIS C 137 2.75 10.24 24.84
C HIS C 137 4.17 10.74 24.62
N SER C 138 4.97 10.58 25.67
CA SER C 138 6.40 10.85 25.66
C SER C 138 7.18 9.56 25.91
N LEU C 139 8.30 9.45 25.20
CA LEU C 139 9.13 8.25 25.28
C LEU C 139 10.14 8.37 26.42
N GLY C 140 9.87 9.22 27.38
CA GLY C 140 10.81 9.59 28.42
C GLY C 140 10.19 9.47 29.80
N GLY C 141 9.31 8.47 29.98
CA GLY C 141 8.70 8.30 31.29
C GLY C 141 7.96 7.00 31.56
N GLY C 142 7.39 6.80 32.73
CA GLY C 142 6.73 5.52 33.02
C GLY C 142 5.43 5.34 32.24
N THR C 143 4.41 6.08 32.66
CA THR C 143 3.10 6.08 32.04
C THR C 143 3.04 6.44 30.56
N GLY C 144 4.08 7.07 30.03
CA GLY C 144 4.15 7.41 28.62
C GLY C 144 4.68 6.25 27.81
N SER C 145 5.99 6.03 27.91
CA SER C 145 6.67 5.04 27.13
C SER C 145 6.35 3.64 27.58
N GLY C 146 6.24 3.27 28.85
CA GLY C 146 5.94 1.89 29.24
C GLY C 146 4.46 1.55 29.08
N MET C 147 3.60 2.19 29.87
CA MET C 147 2.18 1.84 29.84
C MET C 147 1.53 2.16 28.49
N GLY C 148 1.90 3.26 27.84
CA GLY C 148 1.31 3.64 26.55
C GLY C 148 1.77 2.78 25.40
N THR C 149 2.98 2.25 25.50
CA THR C 149 3.47 1.28 24.53
C THR C 149 2.85 -0.10 24.75
N LEU C 150 2.30 -0.36 25.93
CA LEU C 150 1.62 -1.61 26.19
C LEU C 150 0.23 -1.54 25.60
N LEU C 151 -0.41 -0.40 25.82
CA LEU C 151 -1.76 -0.13 25.35
C LEU C 151 -1.86 -0.46 23.88
N ILE C 152 -0.87 -0.04 23.10
CA ILE C 152 -0.82 -0.37 21.69
C ILE C 152 -0.50 -1.81 21.38
N SER C 153 0.46 -2.43 22.05
CA SER C 153 0.78 -3.85 21.83
C SER C 153 -0.44 -4.73 22.04
N LYS C 154 -1.40 -4.27 22.86
CA LYS C 154 -2.71 -4.89 23.03
C LYS C 154 -3.73 -4.47 21.99
N ILE C 155 -3.78 -3.19 21.65
CA ILE C 155 -4.64 -2.69 20.58
C ILE C 155 -4.34 -3.43 19.26
N ARG C 156 -3.07 -3.53 18.87
CA ARG C 156 -2.61 -4.20 17.63
C ARG C 156 -2.78 -5.72 17.60
N GLU C 157 -3.31 -6.29 18.68
CA GLU C 157 -3.67 -7.71 18.77
C GLU C 157 -5.18 -7.88 18.66
N GLU C 158 -5.93 -6.83 19.03
CA GLU C 158 -7.38 -6.79 19.02
C GLU C 158 -7.95 -6.32 17.67
N TYR C 159 -7.19 -5.52 16.92
CA TYR C 159 -7.63 -5.01 15.63
C TYR C 159 -6.41 -4.78 14.74
N PRO C 160 -5.68 -5.84 14.35
CA PRO C 160 -4.57 -5.73 13.38
C PRO C 160 -4.99 -5.21 11.98
N ASP C 161 -6.25 -4.79 11.82
CA ASP C 161 -6.84 -4.16 10.66
C ASP C 161 -6.82 -2.63 10.73
N ARG C 162 -7.40 -2.09 11.81
CA ARG C 162 -7.46 -0.65 12.05
C ARG C 162 -6.03 -0.13 12.26
N ILE C 163 -5.78 1.06 11.76
CA ILE C 163 -4.46 1.69 11.79
C ILE C 163 -4.10 2.20 13.18
N MET C 164 -2.86 2.64 13.32
CA MET C 164 -2.32 3.12 14.56
C MET C 164 -1.31 4.23 14.29
N ASN C 165 -1.80 5.45 14.41
CA ASN C 165 -0.96 6.63 14.42
C ASN C 165 -0.41 6.81 15.82
N THR C 166 0.85 7.17 15.93
CA THR C 166 1.52 7.43 17.19
C THR C 166 2.15 8.80 17.10
N PHE C 167 1.90 9.66 18.07
CA PHE C 167 2.56 10.93 18.27
C PHE C 167 3.48 10.83 19.47
N SER C 168 4.76 10.56 19.19
CA SER C 168 5.77 10.41 20.22
C SER C 168 6.56 11.68 20.43
N VAL C 169 6.87 11.98 21.69
CA VAL C 169 7.73 13.11 22.04
C VAL C 169 9.13 12.59 22.32
N VAL C 170 9.75 12.08 21.26
CA VAL C 170 11.11 11.56 21.35
C VAL C 170 11.98 12.51 22.21
N PRO C 171 12.80 11.94 23.12
CA PRO C 171 13.74 12.68 23.92
C PRO C 171 14.57 13.68 23.14
N SER C 172 14.35 14.96 23.47
CA SER C 172 15.06 16.07 22.89
C SER C 172 16.57 15.92 23.16
N PRO C 173 17.47 16.19 22.19
CA PRO C 173 18.91 16.19 22.36
C PRO C 173 19.41 17.12 23.48
N LYS C 174 19.94 18.31 23.12
CA LYS C 174 20.62 19.31 23.99
C LYS C 174 20.49 19.05 25.49
N VAL C 175 19.26 19.06 26.01
CA VAL C 175 18.94 18.76 27.40
C VAL C 175 17.80 17.76 27.46
N SER C 176 17.96 16.76 28.33
CA SER C 176 16.94 15.76 28.64
C SER C 176 16.17 16.19 29.88
N ASP C 177 14.84 16.30 29.75
CA ASP C 177 13.91 16.66 30.84
C ASP C 177 13.69 15.52 31.85
N THR C 178 14.51 14.48 31.77
CA THR C 178 14.59 13.33 32.64
C THR C 178 16.02 12.77 32.55
N VAL C 179 16.34 11.79 33.39
CA VAL C 179 17.69 11.22 33.49
C VAL C 179 17.84 9.87 32.83
N VAL C 180 16.90 8.97 33.14
CA VAL C 180 16.91 7.64 32.53
C VAL C 180 16.41 7.70 31.11
N GLU C 181 15.74 8.77 30.69
CA GLU C 181 15.26 9.08 29.33
C GLU C 181 15.54 8.04 28.24
N PRO C 182 16.81 7.77 27.81
CA PRO C 182 17.12 6.74 26.84
C PRO C 182 16.64 5.33 27.19
N TYR C 183 16.52 4.99 28.47
CA TYR C 183 15.90 3.79 29.02
C TYR C 183 14.43 3.73 28.74
N ASN C 184 13.68 4.70 29.24
CA ASN C 184 12.27 4.79 28.91
C ASN C 184 12.03 4.88 27.40
N ALA C 185 12.96 5.44 26.65
CA ALA C 185 12.82 5.69 25.23
C ALA C 185 13.12 4.50 24.38
N THR C 186 14.36 4.03 24.43
CA THR C 186 14.77 2.84 23.70
C THR C 186 13.80 1.68 23.91
N LEU C 187 13.25 1.57 25.11
CA LEU C 187 12.26 0.54 25.37
C LEU C 187 10.90 0.77 24.74
N SER C 188 10.47 2.02 24.54
CA SER C 188 9.19 2.27 23.88
C SER C 188 9.29 2.28 22.38
N VAL C 189 10.31 2.91 21.80
CA VAL C 189 10.54 2.85 20.33
C VAL C 189 10.54 1.42 19.79
N HIS C 190 11.08 0.51 20.60
CA HIS C 190 11.09 -0.92 20.38
C HIS C 190 9.70 -1.48 20.13
N GLN C 191 8.78 -1.18 21.04
CA GLN C 191 7.38 -1.53 20.89
C GLN C 191 6.71 -0.84 19.69
N LEU C 192 7.12 0.40 19.41
CA LEU C 192 6.54 1.23 18.37
C LEU C 192 6.82 0.67 17.00
N VAL C 193 8.10 0.40 16.69
CA VAL C 193 8.59 -0.22 15.43
C VAL C 193 7.88 -1.51 15.05
N GLU C 194 7.08 -2.06 15.97
CA GLU C 194 6.48 -3.38 15.87
C GLU C 194 5.00 -3.44 16.19
N ASN C 195 4.32 -2.29 16.26
CA ASN C 195 2.88 -2.28 16.50
C ASN C 195 2.23 -1.12 15.76
N THR C 196 2.31 0.13 16.22
CA THR C 196 1.80 1.26 15.42
C THR C 196 2.32 1.20 13.97
N ASP C 197 1.63 1.80 12.99
CA ASP C 197 2.12 1.83 11.60
C ASP C 197 2.27 3.24 10.99
N GLU C 198 2.16 4.28 11.81
CA GLU C 198 2.44 5.66 11.46
C GLU C 198 2.90 6.39 12.72
N THR C 199 4.13 6.90 12.81
CA THR C 199 4.56 7.62 14.02
C THR C 199 4.98 9.04 13.67
N TYR C 200 4.59 10.06 14.43
CA TYR C 200 4.93 11.46 14.24
C TYR C 200 5.70 11.97 15.46
N CYS C 201 7.02 11.92 15.34
CA CYS C 201 7.99 12.23 16.39
C CYS C 201 8.22 13.73 16.49
N ILE C 202 7.99 14.27 17.67
CA ILE C 202 8.07 15.69 17.97
C ILE C 202 9.09 15.91 19.08
N ASP C 203 9.80 17.03 19.03
CA ASP C 203 10.90 17.26 19.93
C ASP C 203 10.71 18.62 20.61
N ASN C 204 10.58 18.60 21.94
CA ASN C 204 10.32 19.81 22.73
C ASN C 204 11.29 20.95 22.41
N GLU C 205 12.52 20.65 21.96
CA GLU C 205 13.45 21.69 21.57
C GLU C 205 13.42 22.08 20.10
N ALA C 206 13.06 21.14 19.22
CA ALA C 206 12.85 21.46 17.81
C ALA C 206 11.66 22.41 17.72
N LEU C 207 10.73 22.26 18.65
CA LEU C 207 9.60 23.14 18.81
C LEU C 207 10.05 24.47 19.34
N TYR C 208 10.78 24.53 20.46
CA TYR C 208 11.27 25.79 21.01
C TYR C 208 11.94 26.63 19.93
N ASP C 209 12.94 26.11 19.23
CA ASP C 209 13.51 26.75 18.04
C ASP C 209 12.45 27.28 17.09
N ILE C 210 11.61 26.38 16.57
CA ILE C 210 10.56 26.68 15.61
C ILE C 210 9.48 27.60 16.22
N CYS C 211 9.50 27.80 17.52
CA CYS C 211 8.52 28.55 18.27
C CYS C 211 9.12 29.84 18.81
N PHE C 212 10.44 30.02 18.80
CA PHE C 212 11.13 31.20 19.33
C PHE C 212 11.80 32.01 18.22
N ARG C 213 11.98 31.40 17.04
CA ARG C 213 12.57 32.07 15.87
C ARG C 213 11.62 32.17 14.67
N THR C 214 10.67 31.24 14.57
CA THR C 214 9.66 31.23 13.49
C THR C 214 8.32 31.82 13.97
N LEU C 215 8.27 32.07 15.27
CA LEU C 215 7.31 32.83 16.00
C LEU C 215 8.28 33.59 16.90
N LYS C 216 8.36 34.91 16.78
CA LYS C 216 9.25 35.71 17.66
C LYS C 216 8.96 35.51 19.18
N LEU C 217 7.98 34.66 19.50
CA LEU C 217 7.54 34.26 20.82
C LEU C 217 8.71 34.05 21.78
N THR C 218 8.80 34.95 22.75
CA THR C 218 9.92 34.98 23.70
C THR C 218 9.70 34.05 24.89
N THR C 219 8.46 33.80 25.30
CA THR C 219 8.12 32.94 26.44
C THR C 219 7.28 31.74 26.00
N PRO C 220 7.86 30.81 25.22
CA PRO C 220 7.14 29.64 24.72
C PRO C 220 6.83 28.66 25.86
N THR C 221 5.71 28.88 26.56
CA THR C 221 5.26 27.95 27.58
C THR C 221 5.03 26.56 26.97
N TYR C 222 4.90 25.51 27.79
CA TYR C 222 4.54 24.19 27.29
C TYR C 222 3.23 24.20 26.52
N GLY C 223 2.21 24.85 27.10
CA GLY C 223 0.90 25.03 26.46
C GLY C 223 1.00 25.41 24.99
N ASP C 224 2.02 26.20 24.65
CA ASP C 224 2.36 26.63 23.31
C ASP C 224 2.94 25.50 22.47
N LEU C 225 4.06 24.91 22.86
CA LEU C 225 4.60 23.72 22.19
C LEU C 225 3.53 22.69 21.85
N ASN C 226 2.79 22.30 22.87
CA ASN C 226 1.69 21.39 22.75
C ASN C 226 0.67 21.91 21.74
N HIS C 227 0.26 23.19 21.84
CA HIS C 227 -0.63 23.87 20.88
C HIS C 227 -0.11 23.72 19.45
N LEU C 228 1.17 24.00 19.20
CA LEU C 228 1.76 23.88 17.86
C LEU C 228 1.61 22.44 17.37
N VAL C 229 1.92 21.47 18.22
CA VAL C 229 1.89 20.05 17.87
C VAL C 229 0.48 19.64 17.48
N SER C 230 -0.46 19.96 18.37
CA SER C 230 -1.86 19.72 18.18
C SER C 230 -2.40 20.36 16.91
N ALA C 231 -1.74 21.40 16.40
CA ALA C 231 -2.06 22.06 15.13
C ALA C 231 -1.74 21.18 13.91
N THR C 232 -0.70 20.36 14.03
CA THR C 232 -0.32 19.43 12.99
C THR C 232 -1.22 18.22 12.98
N MET C 233 -1.44 17.60 14.14
CA MET C 233 -2.24 16.37 14.23
C MET C 233 -3.70 16.59 13.82
N SER C 234 -4.13 17.86 13.77
CA SER C 234 -5.41 18.31 13.23
C SER C 234 -5.38 18.47 11.70
N GLY C 235 -4.25 18.90 11.17
CA GLY C 235 -4.10 18.94 9.73
C GLY C 235 -3.94 17.55 9.09
N VAL C 236 -3.46 16.57 9.86
CA VAL C 236 -3.32 15.16 9.47
C VAL C 236 -4.70 14.51 9.31
N THR C 237 -5.25 14.06 10.46
CA THR C 237 -6.48 13.30 10.61
C THR C 237 -7.69 14.13 10.21
N THR C 238 -8.44 14.64 11.21
CA THR C 238 -9.65 15.48 11.13
C THR C 238 -9.76 16.24 9.83
N CYS C 239 -8.68 16.91 9.43
CA CYS C 239 -8.59 17.59 8.16
C CYS C 239 -8.99 16.71 7.01
N LEU C 240 -8.27 15.64 6.71
CA LEU C 240 -8.64 14.78 5.61
C LEU C 240 -10.00 14.12 5.71
N ARG C 241 -10.64 14.22 6.87
CA ARG C 241 -12.06 13.89 7.05
C ARG C 241 -12.92 15.10 6.72
N PHE C 242 -12.43 15.87 5.78
CA PHE C 242 -13.14 16.91 5.09
C PHE C 242 -13.10 16.62 3.61
N PRO C 243 -13.93 17.35 2.87
CA PRO C 243 -13.92 17.26 1.43
C PRO C 243 -12.59 17.76 0.90
N GLY C 244 -12.41 17.61 -0.40
CA GLY C 244 -11.22 18.07 -1.06
C GLY C 244 -11.23 17.65 -2.50
N GLN C 245 -10.54 18.41 -3.33
CA GLN C 245 -10.39 18.07 -4.75
C GLN C 245 -9.66 16.73 -4.89
N LEU C 246 -8.67 16.55 -4.02
CA LEU C 246 -7.97 15.30 -3.82
C LEU C 246 -7.80 15.04 -2.33
N ASN C 247 -8.75 14.33 -1.74
CA ASN C 247 -8.60 13.94 -0.35
C ASN C 247 -7.97 12.54 -0.21
N ALA C 248 -7.31 12.40 0.91
CA ALA C 248 -6.79 11.18 1.44
C ALA C 248 -7.40 10.89 2.81
N ASP C 249 -6.87 9.92 3.52
CA ASP C 249 -7.27 9.55 4.85
C ASP C 249 -6.16 8.64 5.37
N LEU C 250 -5.94 8.61 6.70
CA LEU C 250 -4.95 7.77 7.39
C LEU C 250 -4.38 6.60 6.60
N ARG C 251 -5.19 5.74 5.99
CA ARG C 251 -4.67 4.76 5.04
C ARG C 251 -3.96 5.38 3.87
N LYS C 252 -4.54 6.15 2.95
CA LYS C 252 -3.76 6.81 1.89
C LYS C 252 -2.41 7.33 2.41
N LEU C 253 -2.42 8.09 3.50
CA LEU C 253 -1.23 8.57 4.21
C LEU C 253 -0.32 7.40 4.59
N ALA C 254 -0.85 6.30 5.08
CA ALA C 254 -0.06 5.13 5.41
C ALA C 254 0.45 4.41 4.14
N VAL C 255 -0.45 4.09 3.21
CA VAL C 255 -0.22 3.36 1.95
C VAL C 255 0.55 4.15 0.89
N ASN C 256 0.85 5.40 1.16
CA ASN C 256 1.74 6.20 0.32
C ASN C 256 3.05 6.48 1.03
N MET C 257 3.12 6.28 2.34
CA MET C 257 4.22 6.75 3.14
C MET C 257 5.10 5.73 3.77
N VAL C 258 4.72 4.48 3.71
CA VAL C 258 5.52 3.43 4.32
C VAL C 258 5.94 2.46 3.22
N PRO C 259 7.15 2.62 2.70
CA PRO C 259 7.63 1.72 1.68
C PRO C 259 7.95 0.39 2.32
N PHE C 260 8.47 0.39 3.55
CA PHE C 260 8.83 -0.85 4.21
C PHE C 260 8.24 -0.97 5.61
N PRO C 261 7.56 -2.11 5.89
CA PRO C 261 6.74 -2.46 7.07
C PRO C 261 7.26 -2.16 8.45
N ARG C 262 8.51 -1.71 8.64
CA ARG C 262 8.99 -1.32 9.96
C ARG C 262 7.96 -0.54 10.70
N LEU C 263 7.31 0.40 10.01
CA LEU C 263 6.27 1.35 10.40
C LEU C 263 6.74 2.70 9.93
N HIS C 264 8.03 2.97 10.18
CA HIS C 264 8.65 4.24 9.89
C HIS C 264 8.00 5.43 10.57
N PHE C 265 8.83 6.37 10.92
CA PHE C 265 8.46 7.50 11.71
C PHE C 265 8.68 8.72 10.85
N PHE C 266 7.76 9.63 10.97
CA PHE C 266 7.68 10.83 10.17
C PHE C 266 8.08 12.02 11.00
N MET C 267 7.95 13.19 10.41
CA MET C 267 8.33 14.42 11.04
C MET C 267 7.39 15.49 10.55
N PRO C 268 6.38 15.82 11.36
CA PRO C 268 5.38 16.73 10.93
C PRO C 268 5.87 18.18 10.82
N GLY C 269 5.23 18.98 9.95
CA GLY C 269 5.53 20.39 9.75
C GLY C 269 4.30 21.16 9.32
N PHE C 270 3.96 22.24 10.02
CA PHE C 270 2.82 23.05 9.65
C PHE C 270 3.20 24.06 8.56
N ALA C 271 2.20 24.64 7.89
CA ALA C 271 2.46 25.62 6.84
C ALA C 271 2.55 27.04 7.40
N PRO C 272 1.47 27.84 7.55
CA PRO C 272 1.62 29.25 7.84
C PRO C 272 2.11 29.37 9.28
N LEU C 273 3.40 29.63 9.43
CA LEU C 273 4.03 29.70 10.74
C LEU C 273 4.67 31.05 10.91
N THR C 274 3.81 32.05 10.91
CA THR C 274 4.23 33.44 10.94
C THR C 274 3.93 34.02 12.31
N SER C 275 4.83 34.85 12.84
CA SER C 275 4.56 35.60 14.07
C SER C 275 3.28 36.44 13.92
N ARG C 276 2.62 36.78 15.04
CA ARG C 276 1.29 37.42 15.02
C ARG C 276 1.20 38.68 14.12
N GLY C 277 1.26 39.86 14.74
CA GLY C 277 1.02 41.17 14.10
C GLY C 277 1.82 41.34 12.81
N SER C 278 3.03 41.88 12.88
CA SER C 278 3.90 42.15 11.72
C SER C 278 3.86 41.11 10.60
N GLN C 279 4.54 39.99 10.82
CA GLN C 279 4.82 38.94 9.85
C GLN C 279 3.62 38.44 9.09
N GLN C 280 2.36 38.63 9.54
CA GLN C 280 1.09 38.49 8.78
C GLN C 280 1.23 39.13 7.38
N TYR C 281 2.06 38.47 6.60
CA TYR C 281 2.57 38.89 5.33
C TYR C 281 1.66 38.36 4.27
N ARG C 282 0.90 37.31 4.63
CA ARG C 282 -0.07 36.68 3.75
C ARG C 282 0.62 36.06 2.53
N ALA C 283 1.96 36.08 2.50
CA ALA C 283 2.76 35.42 1.49
C ALA C 283 2.49 33.93 1.66
N LEU C 284 1.32 33.53 1.21
CA LEU C 284 0.72 32.22 1.37
C LEU C 284 0.06 31.84 0.06
N THR C 285 0.40 32.52 -1.05
CA THR C 285 -0.11 32.14 -2.37
C THR C 285 -0.06 30.63 -2.56
N VAL C 286 1.06 29.98 -2.18
CA VAL C 286 1.37 28.54 -2.17
C VAL C 286 2.87 28.30 -2.23
N PRO C 287 3.65 28.94 -3.13
CA PRO C 287 5.10 28.75 -3.13
C PRO C 287 5.68 29.09 -1.77
N GLU C 288 4.97 29.91 -1.00
CA GLU C 288 5.35 30.29 0.35
C GLU C 288 5.07 29.19 1.38
N LEU C 289 4.05 28.37 1.17
CA LEU C 289 3.80 27.20 2.02
C LEU C 289 4.83 26.12 1.73
N THR C 290 5.09 25.79 0.47
CA THR C 290 6.13 24.79 0.18
C THR C 290 7.50 25.30 0.55
N GLN C 291 7.72 26.63 0.43
CA GLN C 291 8.93 27.26 0.94
C GLN C 291 9.09 26.89 2.40
N GLN C 292 8.05 27.17 3.19
CA GLN C 292 7.94 26.84 4.61
C GLN C 292 8.23 25.36 4.88
N MET C 293 7.21 24.51 4.75
CA MET C 293 7.21 23.07 5.02
C MET C 293 8.51 22.34 4.68
N PHE C 294 9.10 22.60 3.49
CA PHE C 294 10.33 21.92 3.04
C PHE C 294 11.67 22.50 3.53
N ASP C 295 11.70 23.58 4.31
CA ASP C 295 12.96 24.03 4.91
C ASP C 295 13.39 23.06 6.02
N ALA C 296 14.65 23.16 6.46
CA ALA C 296 15.18 22.44 7.62
C ALA C 296 14.36 22.72 8.90
N LYS C 297 14.74 23.81 9.60
CA LYS C 297 13.91 24.47 10.60
C LYS C 297 12.50 24.48 10.05
N ASN C 298 11.54 24.35 10.96
CA ASN C 298 10.12 24.07 10.69
C ASN C 298 9.71 22.59 10.65
N MET C 299 10.67 21.69 10.81
CA MET C 299 10.41 20.28 11.00
C MET C 299 10.35 20.02 12.49
N MET C 300 9.18 19.70 13.03
CA MET C 300 9.03 19.43 14.48
C MET C 300 9.97 18.36 15.04
N ALA C 301 10.55 17.54 14.16
CA ALA C 301 11.67 16.68 14.51
C ALA C 301 12.93 17.47 14.90
N ALA C 302 13.93 16.78 15.45
CA ALA C 302 15.18 17.40 15.85
C ALA C 302 16.12 17.44 14.67
N CYS C 303 16.25 16.27 14.04
CA CYS C 303 17.08 16.12 12.89
C CYS C 303 16.62 17.04 11.76
N ASP C 304 17.57 17.34 10.90
CA ASP C 304 17.36 18.22 9.77
C ASP C 304 17.24 17.36 8.51
N PRO C 305 16.19 17.53 7.70
CA PRO C 305 16.01 16.76 6.47
C PRO C 305 17.15 16.87 5.48
N ARG C 306 17.78 18.04 5.45
CA ARG C 306 18.99 18.30 4.66
C ARG C 306 20.13 17.30 4.94
N HIS C 307 20.03 16.52 6.02
CA HIS C 307 20.96 15.49 6.45
C HIS C 307 20.58 14.07 6.01
N GLY C 308 19.65 13.94 5.06
CA GLY C 308 19.20 12.63 4.63
C GLY C 308 17.99 12.66 3.73
N ARG C 309 18.04 11.86 2.67
CA ARG C 309 16.97 11.70 1.69
C ARG C 309 15.58 11.56 2.33
N TYR C 310 14.57 11.69 1.49
CA TYR C 310 13.20 11.37 1.86
C TYR C 310 12.78 10.09 1.19
N LEU C 311 11.85 9.35 1.79
CA LEU C 311 11.24 8.22 1.11
C LEU C 311 9.87 8.62 0.60
N THR C 312 9.18 9.35 1.44
CA THR C 312 7.89 9.85 1.10
C THR C 312 7.72 11.18 1.75
N VAL C 313 6.81 11.94 1.16
CA VAL C 313 6.31 13.16 1.71
C VAL C 313 4.81 13.23 1.50
N ALA C 314 4.09 13.92 2.37
CA ALA C 314 2.65 14.11 2.22
C ALA C 314 2.29 15.53 2.60
N ALA C 315 2.25 16.43 1.60
CA ALA C 315 1.75 17.76 1.83
C ALA C 315 0.22 17.72 1.85
N VAL C 316 -0.34 17.62 3.04
CA VAL C 316 -1.78 17.60 3.28
C VAL C 316 -2.29 19.04 3.39
N PHE C 317 -2.40 19.72 2.25
CA PHE C 317 -2.96 21.06 2.19
C PHE C 317 -4.43 21.08 2.61
N ARG C 318 -4.89 22.21 3.12
CA ARG C 318 -6.30 22.43 3.46
C ARG C 318 -6.69 23.89 3.34
N GLY C 319 -7.02 24.27 2.12
CA GLY C 319 -7.39 25.64 1.80
C GLY C 319 -7.46 25.79 0.30
N ARG C 320 -8.53 26.37 -0.23
CA ARG C 320 -8.77 26.46 -1.68
C ARG C 320 -7.52 26.94 -2.44
N MET C 321 -7.09 26.12 -3.38
CA MET C 321 -5.92 26.34 -4.21
C MET C 321 -6.02 25.57 -5.52
N SER C 322 -5.23 26.00 -6.50
CA SER C 322 -5.20 25.36 -7.81
C SER C 322 -4.45 24.04 -7.71
N MET C 323 -5.11 22.95 -8.11
CA MET C 323 -4.50 21.64 -8.37
C MET C 323 -3.42 21.67 -9.40
N LYS C 324 -3.19 22.80 -10.04
CA LYS C 324 -2.03 23.07 -10.86
C LYS C 324 -0.91 23.70 -10.04
N GLU C 325 -1.11 24.83 -9.34
CA GLU C 325 -0.03 25.48 -8.57
C GLU C 325 0.38 24.66 -7.36
N VAL C 326 -0.39 23.62 -7.02
CA VAL C 326 -0.03 22.62 -6.02
C VAL C 326 0.81 21.57 -6.67
N ASP C 327 0.20 20.77 -7.55
CA ASP C 327 0.84 19.66 -8.24
C ASP C 327 2.13 20.10 -8.97
N GLU C 328 2.16 21.35 -9.45
CA GLU C 328 3.33 21.96 -10.05
C GLU C 328 4.45 22.19 -9.04
N GLN C 329 4.20 23.03 -8.03
CA GLN C 329 5.23 23.43 -7.07
C GLN C 329 6.02 22.23 -6.54
N MET C 330 5.27 21.21 -6.13
CA MET C 330 5.79 19.93 -5.63
C MET C 330 6.85 19.33 -6.54
N LEU C 331 6.71 19.54 -7.85
CA LEU C 331 7.67 19.10 -8.83
C LEU C 331 9.00 19.84 -8.74
N ASN C 332 8.99 21.16 -8.95
CA ASN C 332 10.24 21.93 -8.88
C ASN C 332 10.96 21.66 -7.58
N VAL C 333 10.21 21.51 -6.49
CA VAL C 333 10.75 21.08 -5.20
C VAL C 333 11.45 19.73 -5.28
N GLN C 334 10.84 18.77 -5.99
CA GLN C 334 11.42 17.45 -6.27
C GLN C 334 12.65 17.49 -7.19
N ASN C 335 12.85 18.56 -7.94
CA ASN C 335 13.97 18.67 -8.88
C ASN C 335 15.09 19.59 -8.39
N LYS C 336 14.76 20.66 -7.65
CA LYS C 336 15.75 21.54 -7.00
C LYS C 336 16.55 20.75 -5.96
N ASN C 337 15.91 19.74 -5.38
CA ASN C 337 16.47 18.93 -4.31
C ASN C 337 16.52 17.45 -4.70
N SER C 338 16.68 17.13 -5.99
CA SER C 338 16.82 15.73 -6.45
C SER C 338 17.88 14.97 -5.65
N SER C 339 18.89 15.72 -5.19
CA SER C 339 19.95 15.28 -4.28
C SER C 339 19.38 14.52 -3.09
N TYR C 340 18.62 15.21 -2.23
CA TYR C 340 17.89 14.60 -1.14
C TYR C 340 16.40 14.41 -1.37
N PHE C 341 16.07 13.21 -1.83
CA PHE C 341 14.68 12.87 -2.08
C PHE C 341 14.49 11.42 -2.46
N VAL C 342 15.57 10.63 -2.45
CA VAL C 342 15.65 9.25 -2.94
C VAL C 342 15.19 9.12 -4.40
N GLU C 343 15.72 8.14 -5.13
CA GLU C 343 15.42 8.08 -6.57
C GLU C 343 14.50 6.95 -7.00
N TRP C 344 14.59 5.78 -6.34
CA TRP C 344 13.75 4.61 -6.67
C TRP C 344 12.26 4.79 -6.37
N ILE C 345 11.84 6.03 -6.12
CA ILE C 345 10.46 6.46 -6.09
C ILE C 345 10.36 7.65 -7.03
N PRO C 346 9.87 7.44 -8.25
CA PRO C 346 9.67 8.51 -9.22
C PRO C 346 8.94 9.74 -8.68
N ASN C 347 7.90 9.55 -7.86
CA ASN C 347 7.20 10.64 -7.21
C ASN C 347 7.09 10.36 -5.71
N ASN C 348 8.09 10.79 -4.94
CA ASN C 348 8.07 10.65 -3.47
C ASN C 348 6.85 11.30 -2.85
N VAL C 349 6.60 12.52 -3.31
CA VAL C 349 5.57 13.37 -2.77
C VAL C 349 4.19 12.77 -3.01
N LYS C 350 3.34 12.91 -2.00
CA LYS C 350 1.93 12.58 -2.00
C LYS C 350 1.21 13.90 -1.78
N THR C 351 0.84 14.54 -2.87
CA THR C 351 -0.04 15.71 -2.75
C THR C 351 -1.41 15.28 -2.26
N ALA C 352 -1.90 15.99 -1.25
CA ALA C 352 -3.23 15.84 -0.69
C ALA C 352 -3.83 17.24 -0.59
N VAL C 353 -5.12 17.39 -0.85
CA VAL C 353 -5.77 18.71 -0.86
C VAL C 353 -7.19 18.58 -0.33
N CYS C 354 -7.37 19.07 0.90
CA CYS C 354 -8.67 19.41 1.49
C CYS C 354 -9.25 20.69 0.83
N ASP C 355 -10.36 21.21 1.33
CA ASP C 355 -10.93 22.48 0.92
C ASP C 355 -10.93 23.49 2.06
N ILE C 356 -11.78 23.27 3.06
CA ILE C 356 -11.85 24.14 4.23
C ILE C 356 -10.46 24.21 4.93
N PRO C 357 -9.99 25.41 5.24
CA PRO C 357 -8.72 25.62 5.94
C PRO C 357 -8.86 25.69 7.46
N PRO C 358 -7.75 25.83 8.21
CA PRO C 358 -7.80 25.93 9.67
C PRO C 358 -8.62 27.16 10.02
N ARG C 359 -9.79 26.97 10.63
CA ARG C 359 -10.81 27.98 10.97
C ARG C 359 -10.45 29.41 10.51
N GLY C 360 -9.56 30.09 11.24
CA GLY C 360 -9.26 31.51 11.06
C GLY C 360 -8.26 31.87 9.94
N LEU C 361 -7.64 30.90 9.29
CA LEU C 361 -6.63 31.11 8.25
C LEU C 361 -7.20 30.93 6.84
N LYS C 362 -6.48 31.46 5.86
CA LYS C 362 -6.84 31.31 4.44
C LYS C 362 -6.36 30.00 3.83
N MET C 363 -5.11 29.62 4.12
CA MET C 363 -4.47 28.50 3.46
C MET C 363 -3.36 27.95 4.32
N SER C 364 -3.40 26.65 4.58
CA SER C 364 -2.38 25.90 5.30
C SER C 364 -2.07 24.58 4.58
N ALA C 365 -1.15 23.82 5.13
CA ALA C 365 -0.70 22.55 4.63
C ALA C 365 0.20 21.82 5.62
N THR C 366 -0.32 20.73 6.13
CA THR C 366 0.43 19.87 7.00
C THR C 366 1.44 19.09 6.17
N PHE C 367 2.61 18.87 6.71
CA PHE C 367 3.68 18.15 6.07
C PHE C 367 3.98 16.93 6.90
N ILE C 368 4.09 15.77 6.27
CA ILE C 368 4.36 14.52 6.96
C ILE C 368 5.50 13.82 6.23
N GLY C 369 6.72 14.12 6.66
CA GLY C 369 7.90 13.65 5.94
C GLY C 369 8.40 12.33 6.49
N ASN C 370 8.65 11.35 5.62
CA ASN C 370 9.29 10.09 5.96
C ASN C 370 10.77 10.13 5.54
N SER C 371 11.54 11.08 6.06
CA SER C 371 12.96 11.12 5.69
C SER C 371 13.82 10.13 6.46
N THR C 372 14.85 9.67 5.76
CA THR C 372 15.95 8.86 6.29
C THR C 372 16.80 9.65 7.27
N ALA C 373 16.59 10.96 7.38
CA ALA C 373 17.28 11.82 8.34
C ALA C 373 17.00 11.46 9.79
N ILE C 374 15.83 10.88 10.08
CA ILE C 374 15.49 10.44 11.45
C ILE C 374 16.39 9.30 11.96
N GLN C 375 17.24 8.78 11.08
CA GLN C 375 18.30 7.88 11.46
C GLN C 375 19.16 8.53 12.55
N GLU C 376 19.60 9.76 12.32
CA GLU C 376 20.36 10.62 13.24
C GLU C 376 19.57 11.09 14.48
N LEU C 377 18.62 10.28 14.93
CA LEU C 377 17.95 10.52 16.21
C LEU C 377 17.87 9.23 17.00
N PHE C 378 17.46 8.16 16.36
CA PHE C 378 17.51 6.86 17.01
C PHE C 378 18.94 6.44 17.25
N LYS C 379 19.88 7.00 16.46
CA LYS C 379 21.31 6.96 16.79
C LYS C 379 21.54 7.58 18.15
N ARG C 380 21.17 8.86 18.28
CA ARG C 380 21.28 9.64 19.50
C ARG C 380 20.79 8.87 20.71
N ILE C 381 19.52 8.51 20.70
CA ILE C 381 18.88 7.74 21.76
C ILE C 381 19.67 6.46 22.07
N SER C 382 19.94 5.67 21.04
CA SER C 382 20.67 4.41 21.14
C SER C 382 22.08 4.60 21.71
N GLU C 383 22.74 5.72 21.40
CA GLU C 383 24.02 6.07 22.04
C GLU C 383 23.83 6.27 23.55
N GLN C 384 22.99 7.22 23.94
CA GLN C 384 22.78 7.54 25.36
C GLN C 384 22.52 6.29 26.19
N PHE C 385 21.81 5.32 25.60
CA PHE C 385 21.58 4.01 26.15
C PHE C 385 22.89 3.32 26.48
N THR C 386 23.64 2.82 25.50
CA THR C 386 24.92 2.13 25.67
C THR C 386 25.88 2.82 26.61
N ALA C 387 26.04 4.15 26.50
CA ALA C 387 26.95 4.91 27.37
C ALA C 387 26.60 4.75 28.86
N MET C 388 25.33 4.51 29.17
CA MET C 388 24.85 4.28 30.53
C MET C 388 24.48 2.84 30.84
N PHE C 389 24.06 2.09 29.83
CA PHE C 389 23.70 0.70 29.92
C PHE C 389 24.93 -0.13 30.22
N ARG C 390 26.05 0.27 29.63
CA ARG C 390 27.36 -0.29 29.94
C ARG C 390 27.61 -0.35 31.44
N ARG C 391 27.25 0.70 32.18
CA ARG C 391 27.42 0.75 33.64
C ARG C 391 26.17 0.40 34.44
N LYS C 392 25.09 0.01 33.77
CA LYS C 392 23.80 -0.40 34.34
C LYS C 392 23.17 0.71 35.19
N ALA C 393 23.54 1.96 34.89
CA ALA C 393 23.26 3.18 35.66
C ALA C 393 22.08 3.06 36.64
N PHE C 394 20.90 3.52 36.23
CA PHE C 394 19.69 3.41 37.04
C PHE C 394 18.92 2.14 36.70
N LEU C 395 19.63 1.03 36.51
CA LEU C 395 18.98 -0.19 36.07
C LEU C 395 18.26 -0.88 37.22
N HIS C 396 18.72 -0.74 38.47
CA HIS C 396 18.08 -1.41 39.59
C HIS C 396 16.63 -0.98 39.81
N TRP C 397 16.25 0.21 39.32
CA TRP C 397 14.87 0.66 39.30
C TRP C 397 13.98 -0.09 38.32
N TYR C 398 14.56 -0.72 37.31
CA TYR C 398 13.89 -1.55 36.32
C TYR C 398 13.87 -3.00 36.72
N THR C 399 15.03 -3.61 36.93
CA THR C 399 15.08 -5.01 37.38
C THR C 399 14.34 -5.23 38.68
N GLY C 400 14.57 -4.35 39.66
CA GLY C 400 13.87 -4.39 40.95
C GLY C 400 12.35 -4.26 40.84
N GLU C 401 11.84 -3.93 39.65
CA GLU C 401 10.43 -3.92 39.26
C GLU C 401 10.03 -5.15 38.44
N GLY C 402 10.81 -6.24 38.49
CA GLY C 402 10.56 -7.38 37.63
C GLY C 402 10.78 -7.02 36.16
N MET C 403 12.05 -6.95 35.80
CA MET C 403 12.50 -6.76 34.44
C MET C 403 13.56 -7.82 34.12
N ASP C 404 14.28 -7.63 33.03
CA ASP C 404 15.26 -8.57 32.52
C ASP C 404 16.47 -7.79 32.01
N GLU C 405 17.66 -8.34 32.22
CA GLU C 405 18.89 -7.78 31.65
C GLU C 405 18.97 -8.00 30.12
N MET C 406 18.18 -8.96 29.64
CA MET C 406 18.04 -9.26 28.23
C MET C 406 16.98 -8.37 27.57
N GLU C 407 16.06 -7.77 28.36
CA GLU C 407 15.00 -6.90 27.84
C GLU C 407 15.55 -5.58 27.30
N PHE C 408 16.49 -5.01 28.03
CA PHE C 408 17.17 -3.79 27.58
C PHE C 408 18.04 -4.08 26.37
N THR C 409 18.73 -5.22 26.41
CA THR C 409 19.54 -5.68 25.28
C THR C 409 18.69 -5.72 24.02
N GLU C 410 17.56 -6.43 24.12
CA GLU C 410 16.58 -6.60 23.06
C GLU C 410 16.19 -5.28 22.39
N ALA C 411 15.62 -4.36 23.17
CA ALA C 411 15.14 -3.10 22.67
C ALA C 411 16.20 -2.28 21.98
N GLU C 412 17.34 -2.04 22.67
CA GLU C 412 18.46 -1.34 22.06
C GLU C 412 18.76 -1.97 20.74
N SER C 413 19.12 -3.25 20.69
CA SER C 413 19.45 -3.93 19.45
C SER C 413 18.38 -3.75 18.39
N ASN C 414 17.13 -4.10 18.65
CA ASN C 414 16.03 -3.81 17.75
C ASN C 414 16.10 -2.37 17.24
N MET C 415 15.79 -1.39 18.08
CA MET C 415 15.78 0.02 17.69
C MET C 415 17.13 0.49 17.10
N ASN C 416 18.21 -0.20 17.42
CA ASN C 416 19.55 0.07 16.91
C ASN C 416 19.69 -0.49 15.49
N ASP C 417 19.10 -1.65 15.20
CA ASP C 417 18.94 -2.18 13.84
C ASP C 417 18.05 -1.27 13.02
N LEU C 418 17.03 -0.70 13.66
CA LEU C 418 16.10 0.17 12.99
C LEU C 418 16.84 1.39 12.40
N VAL C 419 17.93 1.82 13.06
CA VAL C 419 18.82 2.83 12.51
C VAL C 419 19.47 2.31 11.24
N SER C 420 20.10 1.14 11.33
CA SER C 420 20.77 0.46 10.21
C SER C 420 19.89 0.50 8.96
N GLU C 421 18.72 -0.13 9.03
CA GLU C 421 17.78 -0.23 7.93
C GLU C 421 17.52 1.11 7.24
N TYR C 422 17.27 2.13 8.03
CA TYR C 422 16.93 3.43 7.48
C TYR C 422 18.02 4.04 6.60
N GLN C 423 19.26 3.61 6.82
CA GLN C 423 20.40 3.99 6.01
C GLN C 423 20.47 3.26 4.67
N GLN C 424 19.87 2.07 4.59
CA GLN C 424 19.79 1.21 3.40
C GLN C 424 19.12 1.90 2.21
N TYR C 425 18.47 3.03 2.47
CA TYR C 425 17.75 3.83 1.50
C TYR C 425 18.30 5.24 1.32
N GLN C 426 18.97 5.77 2.36
CA GLN C 426 19.82 6.94 2.23
C GLN C 426 20.95 6.74 1.20
N ASP C 427 21.21 5.47 0.86
CA ASP C 427 22.15 4.93 -0.13
C ASP C 427 21.46 4.05 -1.22
#